data_8F7A
#
_entry.id   8F7A
#
_cell.length_a   1.00
_cell.length_b   1.00
_cell.length_c   1.00
_cell.angle_alpha   90.00
_cell.angle_beta   90.00
_cell.angle_gamma   90.00
#
_symmetry.space_group_name_H-M   'P 1'
#
loop_
_entity.id
_entity.type
_entity.pdbx_description
1 polymer Importin-9
2 polymer 'GTP-binding nuclear protein GSP1/CNR1'
3 non-polymer 'MAGNESIUM ION'
4 non-polymer "GUANOSINE-5'-TRIPHOSPHATE"
#
loop_
_entity_poly.entity_id
_entity_poly.type
_entity_poly.pdbx_seq_one_letter_code
_entity_poly.pdbx_strand_id
1 'polypeptide(L)'
;MAAAAAAGAASGLPGPVAQGLKEALVDTLTGILSPVQEVRAAAEEQIKVLEVTEEFGVHLAELTVDPQGALAIRQLASVI
LKQYVETHWCAQSEKFRPPETTERAKIVIRELLPNGLRESISKVRSSVAYAVSAIAHWDWPEAWPQLFNLLMEMLVSGDL
NAVHGAMRVLTEFTREVTDTQMPLVAPVILPEMYKIFTMAEVYGIRTRSRAVEIFTTCAHMICNMEELEKGAAKVLIFPV
VQQFTEAFVQALQIPDGPTSDSGFKMEVLKAVTALVKNFPKHMVSSMQQILPIVWNTLTESAAFYVRTEVNYTEEVEDPV
DSDGEVLGFENLVFSIFEFVHALLENSKFKSTVKKALPELIYYIILYMQITEEQIKVWTANPQQFVEDEDDDTFSYTVRI
AAQDLLLAVATDFQNESAAALAAAATRHLQEAEQTKNSGTEHWWKIHEACMLALGSVKAIITDSVKNGRIHFDMHGFLTN
VILADLNLSVSPFLLGRALWAASRFTVAMSPELIQQFLQATVSGLHETQPPSVRISAVRAIWGYCDQLKVSESTHVLQPF
LPSILDGLIHLAAQFSSEVLNLVMETLCIVCTVDPEFTASMESKICPFTIAIFLKYSNDPVVASLAQDIFKELSQIEACQ
GPMQMRLIPTLVSIMQAPADKIPAGLCATAIDILTTVVRNTKPPLSQLLICQAFPAVAQCTLHTDDNATMQNGGECLRAY
VSVTLEQVAQWHDEQGHNGLWYVMQVVSQLLDPRTSEFTAAFVGRLVSTLISKAGRELGENLDQILRAILSKMQQAETLS
VMQSLIMVFAHLVHTQLEPLLEFLCSLPGPTGKPALEFVMAEWTSRQHLFYGQYEGKVSSVALCKLLQHGINADDKRLQD
IRVKGEEIYSMDEGIRTRSKSAKNPERWTNIPLLVKILKLIINELSNVMEANAARQATPAEWSQDDSNDMWEDQEEEEEE
EEDGLAGQLLSDILATSKYEEDYYEDDEEDDPDALKDPLYQIDLQAYLTDFLCQFAQQPCYIMFSGHLNDNERRVLQTIG
I
;
A
2 'polypeptide(L)'
;MSAPAANGEVPTFKLVLVGDGGTGKTTFVKRHLTGEFEKKYIATIGVEVHPLSFYTNFGEIKFDVWDTAGLEKFGGLRDG
YYINAQCAIIMFDVTSRITYKNVPNWHRDLVRVCENIPIVLCGNKVDVKERKVKAKTITFHRKKNLQYYDISAKSNYNFE
KPFLWLARKLAGNPQLEFVASPALAPPEVQVDEQLMQQYQQEMEQATALPLPDEDDADL
;
B
#
# COMPACT_ATOMS: atom_id res chain seq x y z
N GLU A 23 -27.34 -26.94 -24.36
CA GLU A 23 -27.21 -28.39 -24.32
C GLU A 23 -25.82 -28.80 -23.83
N ALA A 24 -25.16 -29.66 -24.61
CA ALA A 24 -23.80 -30.07 -24.26
C ALA A 24 -22.81 -28.93 -24.43
N LEU A 25 -23.23 -27.84 -25.06
CA LEU A 25 -22.34 -26.69 -25.26
C LEU A 25 -21.84 -26.14 -23.92
N VAL A 26 -22.61 -26.34 -22.85
CA VAL A 26 -22.33 -25.68 -21.58
C VAL A 26 -21.54 -26.57 -20.63
N ASP A 27 -21.54 -27.89 -20.82
CA ASP A 27 -20.86 -28.76 -19.86
C ASP A 27 -19.36 -28.48 -19.85
N THR A 28 -18.79 -28.13 -20.99
CA THR A 28 -17.37 -27.80 -21.05
C THR A 28 -17.03 -26.67 -20.10
N LEU A 29 -17.82 -25.60 -20.11
CA LEU A 29 -17.54 -24.46 -19.26
C LEU A 29 -17.46 -24.86 -17.80
N THR A 30 -18.38 -25.73 -17.36
CA THR A 30 -18.31 -26.27 -16.01
C THR A 30 -16.95 -26.91 -15.75
N GLY A 31 -16.40 -27.60 -16.76
CA GLY A 31 -15.06 -28.11 -16.63
C GLY A 31 -14.04 -27.01 -16.47
N ILE A 32 -14.15 -25.96 -17.30
CA ILE A 32 -13.25 -24.82 -17.19
C ILE A 32 -13.26 -24.26 -15.79
N LEU A 33 -14.41 -24.34 -15.11
CA LEU A 33 -14.49 -23.86 -13.74
C LEU A 33 -14.03 -24.89 -12.72
N SER A 34 -13.82 -26.13 -13.14
CA SER A 34 -13.54 -27.20 -12.20
C SER A 34 -12.06 -27.21 -11.80
N PRO A 35 -11.75 -27.67 -10.58
CA PRO A 35 -10.35 -27.69 -10.15
C PRO A 35 -9.56 -28.88 -10.68
N VAL A 36 -10.19 -30.03 -10.91
CA VAL A 36 -9.44 -31.23 -11.26
C VAL A 36 -8.70 -31.02 -12.57
N GLN A 37 -7.39 -31.29 -12.56
CA GLN A 37 -6.52 -30.91 -13.68
C GLN A 37 -6.97 -31.56 -14.98
N GLU A 38 -7.32 -32.85 -14.94
CA GLU A 38 -7.62 -33.57 -16.17
C GLU A 38 -8.86 -33.01 -16.87
N VAL A 39 -9.95 -32.83 -16.11
CA VAL A 39 -11.17 -32.34 -16.73
C VAL A 39 -10.99 -30.91 -17.22
N ARG A 40 -10.22 -30.11 -16.48
CA ARG A 40 -9.98 -28.74 -16.92
C ARG A 40 -9.20 -28.71 -18.23
N ALA A 41 -8.15 -29.52 -18.33
CA ALA A 41 -7.38 -29.55 -19.57
C ALA A 41 -8.25 -30.05 -20.72
N ALA A 42 -9.06 -31.08 -20.47
CA ALA A 42 -9.95 -31.58 -21.52
C ALA A 42 -10.91 -30.50 -22.00
N ALA A 43 -11.54 -29.78 -21.07
CA ALA A 43 -12.48 -28.74 -21.45
C ALA A 43 -11.78 -27.59 -22.17
N GLU A 44 -10.57 -27.23 -21.72
CA GLU A 44 -9.82 -26.18 -22.40
C GLU A 44 -9.52 -26.56 -23.83
N GLU A 45 -9.16 -27.83 -24.05
CA GLU A 45 -8.89 -28.27 -25.42
C GLU A 45 -10.19 -28.34 -26.24
N GLN A 46 -11.30 -28.69 -25.60
CA GLN A 46 -12.58 -28.64 -26.29
C GLN A 46 -12.90 -27.22 -26.74
N ILE A 47 -12.64 -26.24 -25.88
CA ILE A 47 -12.80 -24.84 -26.26
C ILE A 47 -11.90 -24.50 -27.44
N LYS A 48 -10.64 -24.93 -27.38
CA LYS A 48 -9.69 -24.57 -28.42
C LYS A 48 -10.03 -25.24 -29.74
N VAL A 49 -10.76 -26.36 -29.70
CA VAL A 49 -11.07 -27.07 -30.94
C VAL A 49 -12.41 -26.67 -31.54
N LEU A 50 -13.42 -26.37 -30.71
CA LEU A 50 -14.74 -26.10 -31.26
C LEU A 50 -14.89 -24.66 -31.73
N GLU A 51 -14.03 -23.76 -31.23
CA GLU A 51 -14.09 -22.34 -31.56
C GLU A 51 -14.10 -22.07 -33.05
N VAL A 52 -13.54 -22.97 -33.87
CA VAL A 52 -13.37 -22.67 -35.28
C VAL A 52 -14.71 -22.61 -36.00
N THR A 53 -15.72 -23.29 -35.45
CA THR A 53 -17.05 -23.22 -36.03
C THR A 53 -17.65 -21.84 -35.81
N GLU A 54 -18.34 -21.33 -36.84
CA GLU A 54 -18.89 -19.99 -36.75
C GLU A 54 -20.08 -19.90 -35.79
N GLU A 55 -20.74 -21.02 -35.51
CA GLU A 55 -21.86 -21.02 -34.58
C GLU A 55 -21.43 -20.84 -33.13
N PHE A 56 -20.12 -20.68 -32.87
CA PHE A 56 -19.65 -20.53 -31.51
C PHE A 56 -20.21 -19.27 -30.85
N GLY A 57 -19.97 -18.11 -31.45
CA GLY A 57 -20.34 -16.86 -30.81
C GLY A 57 -21.82 -16.77 -30.51
N VAL A 58 -22.66 -17.24 -31.43
CA VAL A 58 -24.10 -17.22 -31.20
C VAL A 58 -24.44 -18.07 -29.98
N HIS A 59 -23.75 -19.20 -29.82
CA HIS A 59 -24.00 -20.04 -28.65
C HIS A 59 -23.56 -19.33 -27.38
N LEU A 60 -22.40 -18.68 -27.40
CA LEU A 60 -21.95 -17.92 -26.24
C LEU A 60 -22.99 -16.86 -25.87
N ALA A 61 -23.52 -16.14 -26.85
CA ALA A 61 -24.50 -15.10 -26.57
C ALA A 61 -25.79 -15.70 -26.01
N GLU A 62 -26.32 -16.75 -26.65
CA GLU A 62 -27.55 -17.35 -26.18
C GLU A 62 -27.38 -17.97 -24.80
N LEU A 63 -26.15 -18.30 -24.41
CA LEU A 63 -25.93 -18.82 -23.07
C LEU A 63 -25.76 -17.72 -22.04
N THR A 64 -25.10 -16.62 -22.39
CA THR A 64 -24.84 -15.56 -21.42
C THR A 64 -26.02 -14.62 -21.23
N VAL A 65 -26.87 -14.45 -22.23
CA VAL A 65 -27.99 -13.52 -22.14
C VAL A 65 -29.24 -14.19 -21.57
N ASP A 66 -29.41 -15.47 -21.84
CA ASP A 66 -30.60 -16.18 -21.37
C ASP A 66 -30.64 -16.22 -19.85
N PRO A 67 -31.79 -15.94 -19.23
CA PRO A 67 -31.88 -16.04 -17.77
C PRO A 67 -32.03 -17.49 -17.32
N GLN A 68 -32.28 -17.68 -16.02
CA GLN A 68 -32.50 -19.00 -15.44
C GLN A 68 -31.34 -19.93 -15.74
N GLY A 69 -30.16 -19.55 -15.24
CA GLY A 69 -28.96 -20.33 -15.43
C GLY A 69 -27.90 -19.93 -14.43
N ALA A 70 -27.00 -20.87 -14.17
CA ALA A 70 -25.90 -20.59 -13.25
C ALA A 70 -25.10 -19.39 -13.73
N LEU A 71 -25.14 -18.31 -12.94
CA LEU A 71 -24.52 -17.06 -13.37
C LEU A 71 -23.03 -17.22 -13.60
N ALA A 72 -22.39 -18.16 -12.90
CA ALA A 72 -20.99 -18.45 -13.20
C ALA A 72 -20.81 -18.84 -14.65
N ILE A 73 -21.71 -19.69 -15.17
CA ILE A 73 -21.63 -20.07 -16.58
C ILE A 73 -21.86 -18.86 -17.47
N ARG A 74 -22.72 -17.95 -17.04
CA ARG A 74 -22.95 -16.72 -17.81
C ARG A 74 -21.67 -15.92 -17.93
N GLN A 75 -21.02 -15.65 -16.79
CA GLN A 75 -19.76 -14.90 -16.83
C GLN A 75 -18.71 -15.63 -17.66
N LEU A 76 -18.66 -16.96 -17.53
CA LEU A 76 -17.69 -17.72 -18.31
C LEU A 76 -17.93 -17.55 -19.80
N ALA A 77 -19.18 -17.67 -20.23
CA ALA A 77 -19.49 -17.51 -21.65
C ALA A 77 -19.16 -16.11 -22.11
N SER A 78 -19.42 -15.11 -21.27
CA SER A 78 -19.14 -13.73 -21.68
C SER A 78 -17.65 -13.48 -21.83
N VAL A 79 -16.85 -13.97 -20.87
CA VAL A 79 -15.41 -13.75 -20.95
C VAL A 79 -14.81 -14.52 -22.12
N ILE A 80 -15.29 -15.74 -22.35
CA ILE A 80 -14.83 -16.49 -23.51
C ILE A 80 -15.24 -15.79 -24.80
N LEU A 81 -16.40 -15.12 -24.78
CA LEU A 81 -16.81 -14.33 -25.94
C LEU A 81 -15.87 -13.15 -26.14
N LYS A 82 -15.41 -12.55 -25.05
CA LYS A 82 -14.39 -11.51 -25.15
C LYS A 82 -13.15 -12.06 -25.85
N GLN A 83 -12.68 -13.22 -25.41
CA GLN A 83 -11.55 -13.86 -26.06
C GLN A 83 -11.82 -14.07 -27.54
N TYR A 84 -13.00 -14.59 -27.86
CA TYR A 84 -13.42 -14.78 -29.25
C TYR A 84 -13.27 -13.51 -30.05
N VAL A 85 -13.94 -12.44 -29.62
CA VAL A 85 -13.91 -11.18 -30.35
C VAL A 85 -12.48 -10.69 -30.51
N GLU A 86 -11.63 -10.94 -29.51
CA GLU A 86 -10.24 -10.53 -29.65
C GLU A 86 -9.47 -11.41 -30.61
N THR A 87 -9.94 -12.63 -30.86
CA THR A 87 -9.13 -13.61 -31.58
C THR A 87 -9.64 -13.94 -32.98
N HIS A 88 -10.94 -13.84 -33.24
CA HIS A 88 -11.48 -14.23 -34.54
C HIS A 88 -12.44 -13.18 -35.07
N TRP A 89 -12.06 -11.91 -35.02
CA TRP A 89 -12.93 -10.86 -35.53
C TRP A 89 -12.26 -9.97 -36.55
N CYS A 90 -10.96 -9.73 -36.44
CA CYS A 90 -10.25 -8.83 -37.33
C CYS A 90 -8.98 -9.51 -37.82
N ALA A 91 -8.94 -9.80 -39.13
CA ALA A 91 -7.76 -10.41 -39.72
C ALA A 91 -6.53 -9.52 -39.61
N GLN A 92 -6.70 -8.25 -39.29
CA GLN A 92 -5.59 -7.32 -39.18
C GLN A 92 -5.01 -7.24 -37.76
N SER A 93 -5.77 -7.68 -36.75
CA SER A 93 -5.30 -7.59 -35.38
C SER A 93 -4.05 -8.44 -35.17
N GLU A 94 -3.21 -7.99 -34.24
CA GLU A 94 -1.98 -8.71 -33.93
C GLU A 94 -2.25 -10.06 -33.26
N LYS A 95 -3.50 -10.37 -32.93
CA LYS A 95 -3.87 -11.60 -32.24
C LYS A 95 -4.98 -12.31 -33.00
N PHE A 96 -4.78 -12.47 -34.30
CA PHE A 96 -5.80 -13.07 -35.15
C PHE A 96 -5.60 -14.58 -35.26
N ARG A 97 -6.69 -15.29 -35.50
CA ARG A 97 -6.72 -16.73 -35.66
C ARG A 97 -7.39 -17.05 -36.99
N PRO A 98 -7.07 -18.19 -37.60
CA PRO A 98 -7.58 -18.48 -38.95
C PRO A 98 -9.10 -18.36 -39.06
N PRO A 99 -9.90 -19.05 -38.21
CA PRO A 99 -11.34 -19.06 -38.46
C PRO A 99 -12.00 -17.72 -38.20
N GLU A 100 -11.84 -16.79 -39.13
CA GLU A 100 -12.45 -15.47 -39.02
C GLU A 100 -13.97 -15.59 -38.98
N THR A 101 -14.62 -14.65 -38.31
CA THR A 101 -16.06 -14.75 -38.08
C THR A 101 -16.85 -14.35 -39.32
N THR A 102 -17.87 -15.15 -39.61
CA THR A 102 -18.78 -14.85 -40.72
C THR A 102 -19.70 -13.70 -40.34
N GLU A 103 -20.18 -12.98 -41.36
CA GLU A 103 -21.05 -11.83 -41.12
C GLU A 103 -22.39 -12.25 -40.54
N ARG A 104 -22.85 -13.46 -40.84
CA ARG A 104 -24.13 -13.92 -40.30
C ARG A 104 -24.10 -13.95 -38.78
N ALA A 105 -23.13 -14.64 -38.19
CA ALA A 105 -23.03 -14.68 -36.74
C ALA A 105 -22.80 -13.29 -36.17
N LYS A 106 -22.08 -12.43 -36.90
CA LYS A 106 -21.88 -11.05 -36.45
C LYS A 106 -23.20 -10.33 -36.29
N ILE A 107 -24.03 -10.33 -37.34
CA ILE A 107 -25.30 -9.62 -37.27
C ILE A 107 -26.28 -10.33 -36.34
N VAL A 108 -26.02 -11.61 -36.04
CA VAL A 108 -26.88 -12.32 -35.10
C VAL A 108 -26.59 -11.88 -33.67
N ILE A 109 -25.34 -12.03 -33.24
CA ILE A 109 -24.99 -11.64 -31.87
C ILE A 109 -25.11 -10.15 -31.65
N ARG A 110 -24.79 -9.34 -32.67
CA ARG A 110 -24.79 -7.89 -32.52
C ARG A 110 -26.16 -7.37 -32.09
N GLU A 111 -27.21 -8.11 -32.39
CA GLU A 111 -28.55 -7.77 -31.96
C GLU A 111 -29.08 -8.70 -30.88
N LEU A 112 -28.33 -9.76 -30.56
CA LEU A 112 -28.69 -10.69 -29.49
C LEU A 112 -27.85 -10.51 -28.24
N LEU A 113 -26.62 -10.01 -28.39
CA LEU A 113 -25.79 -9.75 -27.21
C LEU A 113 -26.30 -8.58 -26.38
N PRO A 114 -26.59 -7.39 -26.95
CA PRO A 114 -27.04 -6.27 -26.11
C PRO A 114 -28.30 -6.55 -25.33
N ASN A 115 -29.03 -7.63 -25.62
CA ASN A 115 -30.22 -7.97 -24.84
C ASN A 115 -29.92 -8.21 -23.38
N GLY A 116 -28.65 -8.32 -23.00
CA GLY A 116 -28.29 -8.37 -21.60
C GLY A 116 -28.28 -6.98 -21.01
N LEU A 117 -27.27 -6.66 -20.22
CA LEU A 117 -27.13 -5.33 -19.62
C LEU A 117 -28.37 -4.94 -18.83
N ARG A 118 -29.17 -5.89 -18.39
CA ARG A 118 -30.51 -5.59 -17.88
C ARG A 118 -30.89 -6.55 -16.76
N GLU A 119 -31.35 -5.98 -15.65
CA GLU A 119 -32.11 -6.70 -14.63
C GLU A 119 -31.39 -7.95 -14.13
N SER A 120 -30.06 -7.90 -14.08
CA SER A 120 -29.29 -9.00 -13.57
C SER A 120 -28.29 -8.48 -12.54
N ILE A 121 -27.61 -9.43 -11.89
CA ILE A 121 -26.54 -9.08 -10.97
C ILE A 121 -25.44 -8.35 -11.75
N SER A 122 -24.78 -7.41 -11.07
CA SER A 122 -23.78 -6.59 -11.72
C SER A 122 -22.67 -7.41 -12.37
N LYS A 123 -22.45 -8.64 -11.91
CA LYS A 123 -21.37 -9.46 -12.46
C LYS A 123 -21.61 -9.73 -13.95
N VAL A 124 -22.72 -10.38 -14.27
CA VAL A 124 -22.96 -10.77 -15.66
C VAL A 124 -23.19 -9.55 -16.53
N ARG A 125 -23.76 -8.48 -15.96
CA ARG A 125 -23.93 -7.25 -16.71
C ARG A 125 -22.57 -6.67 -17.10
N SER A 126 -21.66 -6.60 -16.14
CA SER A 126 -20.33 -6.07 -16.43
C SER A 126 -19.59 -6.96 -17.42
N SER A 127 -19.80 -8.27 -17.35
CA SER A 127 -19.16 -9.17 -18.30
C SER A 127 -19.69 -8.95 -19.72
N VAL A 128 -21.01 -8.88 -19.85
CA VAL A 128 -21.60 -8.59 -21.16
C VAL A 128 -21.14 -7.23 -21.66
N ALA A 129 -20.94 -6.28 -20.74
CA ALA A 129 -20.43 -4.97 -21.14
C ALA A 129 -19.00 -5.07 -21.65
N TYR A 130 -18.17 -5.87 -20.97
CA TYR A 130 -16.84 -6.16 -21.47
C TYR A 130 -16.90 -6.67 -22.90
N ALA A 131 -17.77 -7.64 -23.14
CA ALA A 131 -17.91 -8.20 -24.49
C ALA A 131 -18.33 -7.12 -25.49
N VAL A 132 -19.36 -6.34 -25.15
CA VAL A 132 -19.84 -5.30 -26.05
C VAL A 132 -18.71 -4.34 -26.39
N SER A 133 -18.01 -3.85 -25.37
CA SER A 133 -16.90 -2.95 -25.60
C SER A 133 -15.85 -3.57 -26.52
N ALA A 134 -15.61 -4.87 -26.35
CA ALA A 134 -14.72 -5.55 -27.29
C ALA A 134 -15.23 -5.46 -28.71
N ILE A 135 -16.51 -5.80 -28.92
CA ILE A 135 -17.11 -5.65 -30.24
C ILE A 135 -17.05 -4.19 -30.68
N ALA A 136 -17.59 -3.30 -29.87
CA ALA A 136 -17.66 -1.89 -30.23
C ALA A 136 -16.29 -1.26 -30.45
N HIS A 137 -15.24 -1.84 -29.86
CA HIS A 137 -13.90 -1.30 -30.10
C HIS A 137 -13.54 -1.40 -31.57
N TRP A 138 -14.07 -2.39 -32.27
CA TRP A 138 -13.76 -2.54 -33.69
C TRP A 138 -14.75 -1.79 -34.58
N ASP A 139 -16.02 -1.75 -34.19
CA ASP A 139 -17.08 -1.34 -35.08
C ASP A 139 -17.63 0.05 -34.81
N TRP A 140 -16.82 0.94 -34.24
CA TRP A 140 -17.21 2.36 -34.23
C TRP A 140 -16.93 3.04 -35.56
N PRO A 141 -15.79 2.81 -36.23
CA PRO A 141 -15.61 3.43 -37.56
C PRO A 141 -16.59 2.92 -38.60
N GLU A 142 -16.85 1.60 -38.63
CA GLU A 142 -17.85 1.09 -39.57
C GLU A 142 -19.26 1.51 -39.19
N ALA A 143 -19.50 1.85 -37.92
CA ALA A 143 -20.69 2.58 -37.47
C ALA A 143 -21.97 1.78 -37.72
N TRP A 144 -22.09 0.65 -37.04
CA TRP A 144 -23.39 0.04 -36.85
C TRP A 144 -24.17 0.91 -35.86
N PRO A 145 -25.46 0.60 -35.62
CA PRO A 145 -26.21 1.48 -34.72
C PRO A 145 -25.68 1.43 -33.30
N GLN A 146 -24.93 2.46 -32.92
CA GLN A 146 -24.43 2.62 -31.55
C GLN A 146 -25.31 3.58 -30.77
N LEU A 147 -26.60 3.24 -30.73
CA LEU A 147 -27.59 4.04 -30.03
C LEU A 147 -28.56 3.20 -29.22
N PHE A 148 -28.44 1.87 -29.25
CA PHE A 148 -29.28 1.03 -28.41
C PHE A 148 -29.04 1.32 -26.93
N ASN A 149 -27.78 1.48 -26.55
CA ASN A 149 -27.47 1.92 -25.18
C ASN A 149 -27.97 3.33 -24.93
N LEU A 150 -27.84 4.21 -25.94
CA LEU A 150 -28.34 5.57 -25.82
C LEU A 150 -29.83 5.57 -25.48
N LEU A 151 -30.58 4.61 -26.04
CA LEU A 151 -31.96 4.41 -25.59
C LEU A 151 -32.01 4.02 -24.12
N MET A 152 -31.13 3.10 -23.70
CA MET A 152 -31.17 2.63 -22.31
C MET A 152 -30.88 3.75 -21.32
N GLU A 153 -30.26 4.84 -21.79
CA GLU A 153 -30.04 5.99 -20.91
C GLU A 153 -31.37 6.51 -20.38
N MET A 154 -32.39 6.57 -21.23
CA MET A 154 -33.68 7.14 -20.84
C MET A 154 -34.67 6.09 -20.35
N LEU A 155 -34.44 4.81 -20.64
CA LEU A 155 -35.33 3.74 -20.21
C LEU A 155 -34.83 3.25 -18.84
N VAL A 156 -35.70 3.35 -17.84
CA VAL A 156 -35.36 2.87 -16.51
C VAL A 156 -35.50 1.36 -16.43
N LEU A 160 -31.81 2.87 -14.10
CA LEU A 160 -31.87 1.62 -13.36
C LEU A 160 -30.85 0.62 -13.92
N ASN A 161 -31.18 -0.67 -13.77
CA ASN A 161 -30.27 -1.73 -14.21
C ASN A 161 -29.89 -1.56 -15.68
N ALA A 162 -30.83 -1.13 -16.51
CA ALA A 162 -30.53 -0.93 -17.93
C ALA A 162 -29.45 0.13 -18.10
N VAL A 163 -29.53 1.21 -17.33
CA VAL A 163 -28.59 2.32 -17.53
C VAL A 163 -27.20 1.94 -17.05
N HIS A 164 -27.12 1.16 -15.97
CA HIS A 164 -25.83 0.73 -15.45
C HIS A 164 -25.05 -0.05 -16.50
N GLY A 165 -25.75 -0.88 -17.28
CA GLY A 165 -25.07 -1.60 -18.35
C GLY A 165 -24.45 -0.66 -19.37
N ALA A 166 -25.21 0.32 -19.83
CA ALA A 166 -24.67 1.27 -20.80
C ALA A 166 -23.52 2.07 -20.21
N MET A 167 -23.59 2.36 -18.91
CA MET A 167 -22.52 3.11 -18.28
C MET A 167 -21.24 2.30 -18.22
N ARG A 168 -21.34 1.02 -17.84
CA ARG A 168 -20.15 0.17 -17.88
C ARG A 168 -19.62 0.03 -19.29
N VAL A 169 -20.51 -0.07 -20.27
CA VAL A 169 -20.09 -0.12 -21.66
C VAL A 169 -19.29 1.12 -22.01
N LEU A 170 -19.81 2.28 -21.65
CA LEU A 170 -19.14 3.53 -21.97
C LEU A 170 -17.78 3.61 -21.30
N THR A 171 -17.70 3.20 -20.03
CA THR A 171 -16.42 3.22 -19.32
C THR A 171 -15.41 2.35 -20.04
N GLU A 172 -15.75 1.09 -20.28
CA GLU A 172 -14.82 0.18 -20.94
C GLU A 172 -14.41 0.71 -22.31
N PHE A 173 -15.37 1.19 -23.09
CA PHE A 173 -15.04 1.67 -24.43
C PHE A 173 -14.09 2.85 -24.37
N THR A 174 -14.44 3.88 -23.59
CA THR A 174 -13.59 5.06 -23.52
C THR A 174 -12.23 4.76 -22.91
N ARG A 175 -12.12 3.70 -22.10
CA ARG A 175 -10.81 3.26 -21.66
C ARG A 175 -10.07 2.51 -22.76
N GLU A 176 -10.81 1.94 -23.71
CA GLU A 176 -10.23 1.14 -24.79
C GLU A 176 -9.78 1.96 -25.99
N VAL A 177 -10.48 3.06 -26.29
CA VAL A 177 -10.20 3.81 -27.51
C VAL A 177 -8.75 4.26 -27.55
N THR A 178 -8.16 4.20 -28.74
CA THR A 178 -6.77 4.57 -28.93
C THR A 178 -6.66 6.08 -29.07
N ASP A 179 -5.46 6.55 -29.43
CA ASP A 179 -5.28 7.97 -29.70
C ASP A 179 -5.98 8.38 -30.99
N THR A 180 -6.15 7.43 -31.92
CA THR A 180 -6.80 7.75 -33.18
C THR A 180 -8.27 8.08 -32.97
N GLN A 181 -9.03 7.18 -32.37
CA GLN A 181 -10.47 7.38 -32.21
C GLN A 181 -10.79 8.51 -31.26
N MET A 182 -9.86 8.87 -30.37
CA MET A 182 -10.18 9.78 -29.28
C MET A 182 -10.64 11.16 -29.76
N PRO A 183 -9.92 11.87 -30.64
CA PRO A 183 -10.42 13.17 -31.11
C PRO A 183 -11.75 13.10 -31.83
N LEU A 184 -12.22 11.89 -32.15
CA LEU A 184 -13.52 11.70 -32.79
C LEU A 184 -14.60 11.26 -31.83
N VAL A 185 -14.27 10.42 -30.84
CA VAL A 185 -15.29 9.88 -29.95
C VAL A 185 -15.49 10.80 -28.75
N ALA A 186 -14.45 11.52 -28.35
CA ALA A 186 -14.59 12.45 -27.23
C ALA A 186 -15.61 13.56 -27.52
N PRO A 187 -15.57 14.25 -28.66
CA PRO A 187 -16.61 15.25 -28.94
C PRO A 187 -18.00 14.65 -29.15
N VAL A 188 -18.14 13.33 -29.07
CA VAL A 188 -19.43 12.69 -29.15
C VAL A 188 -19.93 12.25 -27.77
N ILE A 189 -19.06 11.59 -27.00
CA ILE A 189 -19.44 11.13 -25.68
C ILE A 189 -19.56 12.30 -24.71
N LEU A 190 -18.57 13.20 -24.72
CA LEU A 190 -18.52 14.27 -23.73
C LEU A 190 -19.76 15.16 -23.74
N PRO A 191 -20.32 15.58 -24.89
CA PRO A 191 -21.58 16.34 -24.83
C PRO A 191 -22.70 15.54 -24.16
N GLU A 192 -22.91 14.30 -24.60
CA GLU A 192 -23.92 13.46 -23.97
C GLU A 192 -23.58 13.20 -22.52
N MET A 193 -22.29 13.17 -22.17
CA MET A 193 -21.90 13.04 -20.78
C MET A 193 -22.39 14.22 -19.96
N TYR A 194 -22.14 15.44 -20.45
CA TYR A 194 -22.64 16.62 -19.73
C TYR A 194 -24.16 16.60 -19.66
N LYS A 195 -24.82 16.11 -20.72
CA LYS A 195 -26.27 15.99 -20.69
C LYS A 195 -26.69 15.09 -19.52
N ILE A 196 -26.07 13.92 -19.39
CA ILE A 196 -26.42 13.01 -18.31
C ILE A 196 -26.14 13.66 -16.97
N PHE A 197 -24.99 14.31 -16.85
CA PHE A 197 -24.58 14.86 -15.55
C PHE A 197 -25.52 15.97 -15.10
N THR A 198 -25.78 16.95 -15.97
CA THR A 198 -26.60 18.09 -15.58
C THR A 198 -28.01 17.65 -15.19
N MET A 199 -28.53 16.64 -15.88
CA MET A 199 -29.87 16.12 -15.61
C MET A 199 -29.84 15.36 -14.30
N ALA A 200 -30.27 16.00 -13.22
CA ALA A 200 -30.23 15.41 -11.89
C ALA A 200 -31.58 14.87 -11.43
N GLU A 201 -32.58 14.91 -12.30
CA GLU A 201 -33.91 14.46 -11.91
C GLU A 201 -34.09 12.96 -12.12
N VAL A 202 -33.65 12.45 -13.27
CA VAL A 202 -33.80 11.04 -13.60
C VAL A 202 -32.56 10.24 -13.27
N TYR A 203 -31.39 10.70 -13.72
CA TYR A 203 -30.15 9.99 -13.43
C TYR A 203 -29.79 10.13 -11.96
N GLY A 204 -29.74 8.99 -11.27
CA GLY A 204 -29.39 8.98 -9.87
C GLY A 204 -27.97 9.44 -9.62
N ILE A 205 -27.56 9.31 -8.36
CA ILE A 205 -26.22 9.73 -7.98
C ILE A 205 -25.18 8.87 -8.67
N ARG A 206 -25.31 7.54 -8.59
CA ARG A 206 -24.27 6.65 -9.06
C ARG A 206 -24.02 6.81 -10.55
N THR A 207 -25.09 6.91 -11.34
CA THR A 207 -24.93 7.08 -12.78
C THR A 207 -24.19 8.38 -13.10
N ARG A 208 -24.56 9.46 -12.43
CA ARG A 208 -23.86 10.72 -12.65
C ARG A 208 -22.40 10.63 -12.24
N SER A 209 -22.11 9.94 -11.15
CA SER A 209 -20.73 9.78 -10.72
C SER A 209 -19.93 9.01 -11.75
N ARG A 210 -20.51 7.96 -12.32
CA ARG A 210 -19.80 7.23 -13.36
C ARG A 210 -19.62 8.07 -14.61
N ALA A 211 -20.59 8.94 -14.91
CA ALA A 211 -20.43 9.87 -16.04
C ALA A 211 -19.25 10.80 -15.78
N VAL A 212 -19.13 11.30 -14.56
CA VAL A 212 -18.00 12.14 -14.20
C VAL A 212 -16.70 11.37 -14.36
N GLU A 213 -16.68 10.11 -13.92
CA GLU A 213 -15.48 9.29 -14.09
C GLU A 213 -15.13 9.14 -15.55
N ILE A 214 -16.13 8.97 -16.40
CA ILE A 214 -15.89 8.86 -17.84
C ILE A 214 -15.26 10.14 -18.36
N PHE A 215 -15.79 11.29 -17.93
CA PHE A 215 -15.21 12.55 -18.36
C PHE A 215 -13.77 12.68 -17.92
N THR A 216 -13.48 12.30 -16.67
CA THR A 216 -12.12 12.41 -16.17
C THR A 216 -11.17 11.51 -16.95
N THR A 217 -11.61 10.28 -17.24
CA THR A 217 -10.80 9.36 -18.05
C THR A 217 -10.51 9.95 -19.41
N CYS A 218 -11.55 10.45 -20.09
CA CYS A 218 -11.36 11.00 -21.42
C CYS A 218 -10.44 12.21 -21.39
N ALA A 219 -10.59 13.07 -20.40
CA ALA A 219 -9.74 14.26 -20.31
C ALA A 219 -8.30 13.88 -20.05
N HIS A 220 -8.06 12.95 -19.13
CA HIS A 220 -6.69 12.53 -18.84
C HIS A 220 -6.04 11.92 -20.06
N MET A 221 -6.73 11.02 -20.74
CA MET A 221 -6.15 10.39 -21.92
C MET A 221 -5.96 11.39 -23.05
N ILE A 222 -6.87 12.36 -23.19
CA ILE A 222 -6.74 13.34 -24.25
C ILE A 222 -5.59 14.29 -23.97
N CYS A 223 -5.32 14.59 -22.70
CA CYS A 223 -4.17 15.41 -22.38
C CYS A 223 -2.88 14.64 -22.59
N ASN A 224 -2.88 13.34 -22.27
CA ASN A 224 -1.75 12.49 -22.63
C ASN A 224 -1.50 12.52 -24.13
N MET A 225 -2.57 12.48 -24.93
CA MET A 225 -2.41 12.51 -26.38
C MET A 225 -1.85 13.85 -26.83
N GLU A 226 -2.39 14.94 -26.30
CA GLU A 226 -1.88 16.27 -26.62
C GLU A 226 -0.40 16.38 -26.29
N GLU A 227 0.03 15.76 -25.19
CA GLU A 227 1.45 15.63 -24.90
C GLU A 227 2.18 14.83 -25.98
N LEU A 228 1.57 13.72 -26.45
CA LEU A 228 2.20 12.91 -27.47
C LEU A 228 2.10 13.55 -28.84
N GLU A 229 0.87 13.77 -29.32
CA GLU A 229 0.62 14.47 -30.59
C GLU A 229 -0.55 15.41 -30.35
N LYS A 230 -0.29 16.71 -30.46
CA LYS A 230 -1.29 17.71 -30.13
C LYS A 230 -2.57 17.53 -30.93
N GLY A 231 -3.65 18.12 -30.44
CA GLY A 231 -4.95 17.93 -31.05
C GLY A 231 -6.08 17.91 -30.04
N ALA A 232 -5.74 17.91 -28.75
CA ALA A 232 -6.77 17.84 -27.72
C ALA A 232 -7.27 19.23 -27.33
N ALA A 233 -6.35 20.10 -26.88
CA ALA A 233 -6.77 21.43 -26.43
C ALA A 233 -7.12 22.33 -27.61
N LYS A 234 -7.22 21.75 -28.80
CA LYS A 234 -7.52 22.51 -30.01
C LYS A 234 -9.01 22.82 -30.10
N VAL A 235 -9.45 23.19 -31.30
CA VAL A 235 -10.83 23.54 -31.63
C VAL A 235 -11.80 22.48 -31.12
N LEU A 236 -11.28 21.32 -30.72
CA LEU A 236 -12.10 20.27 -30.15
C LEU A 236 -12.53 20.63 -28.73
N ILE A 237 -12.91 19.61 -27.98
CA ILE A 237 -13.75 19.68 -26.79
C ILE A 237 -13.41 20.81 -25.82
N PHE A 238 -12.27 21.45 -25.99
CA PHE A 238 -11.82 22.52 -25.12
C PHE A 238 -12.94 23.44 -24.59
N PRO A 239 -13.92 23.88 -25.39
CA PRO A 239 -15.05 24.61 -24.77
C PRO A 239 -15.89 23.73 -23.86
N VAL A 240 -16.11 22.47 -24.23
CA VAL A 240 -16.86 21.57 -23.37
C VAL A 240 -16.16 21.43 -22.02
N VAL A 241 -14.84 21.64 -21.99
CA VAL A 241 -14.12 21.68 -20.73
C VAL A 241 -14.64 22.83 -19.87
N GLN A 242 -14.86 23.99 -20.48
CA GLN A 242 -15.43 25.12 -19.74
C GLN A 242 -16.84 24.80 -19.25
N GLN A 243 -17.65 24.23 -20.15
CA GLN A 243 -18.99 23.81 -19.76
C GLN A 243 -18.97 22.91 -18.53
N PHE A 244 -18.13 21.87 -18.57
CA PHE A 244 -18.06 20.93 -17.46
C PHE A 244 -17.47 21.55 -16.21
N THR A 245 -16.54 22.50 -16.38
CA THR A 245 -15.98 23.19 -15.22
C THR A 245 -17.07 23.93 -14.48
N GLU A 246 -17.91 24.67 -15.22
CA GLU A 246 -19.01 25.37 -14.58
C GLU A 246 -20.00 24.39 -13.97
N ALA A 247 -20.24 23.26 -14.66
CA ALA A 247 -21.13 22.25 -14.09
C ALA A 247 -20.61 21.74 -12.76
N PHE A 248 -19.30 21.48 -12.68
CA PHE A 248 -18.69 21.05 -11.42
C PHE A 248 -18.86 22.10 -10.34
N VAL A 249 -18.42 23.33 -10.61
CA VAL A 249 -18.50 24.37 -9.59
C VAL A 249 -19.94 24.62 -9.18
N GLN A 250 -20.90 24.19 -10.00
CA GLN A 250 -22.30 24.20 -9.60
C GLN A 250 -22.67 23.03 -8.69
N ALA A 251 -21.84 21.98 -8.63
CA ALA A 251 -22.25 20.77 -7.96
C ALA A 251 -21.84 20.75 -6.48
N LEU A 252 -20.63 21.22 -6.19
CA LEU A 252 -20.06 21.05 -4.85
C LEU A 252 -20.91 21.71 -3.77
N GLN A 253 -21.66 22.77 -4.11
CA GLN A 253 -22.41 23.48 -3.09
C GLN A 253 -23.60 22.67 -2.61
N ILE A 254 -24.12 21.78 -3.43
CA ILE A 254 -25.34 21.04 -3.12
C ILE A 254 -25.05 20.04 -2.00
N PRO A 255 -25.82 20.04 -0.91
CA PRO A 255 -25.61 19.20 0.26
C PRO A 255 -25.57 17.71 -0.06
N PRO A 258 -31.89 12.99 -2.59
CA PRO A 258 -31.38 14.10 -3.41
C PRO A 258 -30.10 13.74 -4.14
N THR A 259 -29.06 14.52 -3.91
CA THR A 259 -27.73 14.28 -4.49
C THR A 259 -26.67 14.48 -3.43
N SER A 260 -27.04 14.23 -2.16
CA SER A 260 -26.17 14.45 -1.02
C SER A 260 -25.08 13.39 -0.90
N ASP A 261 -24.94 12.51 -1.89
CA ASP A 261 -23.98 11.42 -1.79
C ASP A 261 -22.57 11.95 -1.73
N SER A 262 -21.89 11.67 -0.62
CA SER A 262 -20.53 12.16 -0.44
C SER A 262 -19.59 11.60 -1.49
N GLY A 263 -19.74 10.32 -1.85
CA GLY A 263 -18.89 9.75 -2.89
C GLY A 263 -19.02 10.47 -4.21
N PHE A 264 -20.22 10.98 -4.51
CA PHE A 264 -20.39 11.80 -5.70
C PHE A 264 -19.54 13.05 -5.62
N LYS A 265 -19.57 13.72 -4.46
CA LYS A 265 -18.71 14.87 -4.27
C LYS A 265 -17.25 14.49 -4.44
N MET A 266 -16.88 13.29 -3.98
CA MET A 266 -15.51 12.83 -4.13
C MET A 266 -15.13 12.70 -5.60
N GLU A 267 -16.02 12.10 -6.39
CA GLU A 267 -15.74 11.98 -7.81
C GLU A 267 -15.63 13.34 -8.48
N VAL A 268 -16.51 14.28 -8.11
CA VAL A 268 -16.45 15.61 -8.70
C VAL A 268 -15.13 16.28 -8.34
N LEU A 269 -14.71 16.16 -7.09
CA LEU A 269 -13.47 16.79 -6.67
C LEU A 269 -12.27 16.16 -7.37
N LYS A 270 -12.27 14.84 -7.52
CA LYS A 270 -11.20 14.19 -8.27
C LYS A 270 -11.16 14.70 -9.70
N ALA A 271 -12.31 14.90 -10.32
CA ALA A 271 -12.35 15.46 -11.66
C ALA A 271 -11.75 16.86 -11.69
N VAL A 272 -12.08 17.68 -10.69
CA VAL A 272 -11.54 19.04 -10.65
C VAL A 272 -10.03 19.00 -10.49
N THR A 273 -9.53 18.05 -9.70
CA THR A 273 -8.09 17.88 -9.59
C THR A 273 -7.47 17.54 -10.93
N ALA A 274 -8.14 16.64 -11.67
CA ALA A 274 -7.67 16.32 -13.02
C ALA A 274 -7.57 17.57 -13.87
N LEU A 275 -8.63 18.37 -13.88
CA LEU A 275 -8.63 19.60 -14.65
C LEU A 275 -7.48 20.51 -14.24
N VAL A 276 -7.27 20.69 -12.94
CA VAL A 276 -6.20 21.56 -12.47
C VAL A 276 -4.85 21.06 -12.95
N LYS A 277 -4.60 19.77 -12.80
CA LYS A 277 -3.25 19.27 -13.05
C LYS A 277 -2.95 19.16 -14.53
N ASN A 278 -3.97 18.90 -15.35
CA ASN A 278 -3.69 18.61 -16.76
C ASN A 278 -3.47 19.89 -17.57
N PHE A 279 -4.48 20.75 -17.66
CA PHE A 279 -4.38 22.00 -18.41
C PHE A 279 -4.65 23.15 -17.45
N PRO A 280 -3.61 23.67 -16.80
CA PRO A 280 -3.84 24.78 -15.86
C PRO A 280 -4.34 26.03 -16.56
N LYS A 281 -3.86 26.30 -17.77
CA LYS A 281 -4.16 27.55 -18.46
C LYS A 281 -5.65 27.81 -18.57
N HIS A 282 -6.45 26.77 -18.80
CA HIS A 282 -7.89 26.99 -18.92
C HIS A 282 -8.54 27.21 -17.56
N MET A 283 -7.91 26.72 -16.50
CA MET A 283 -8.47 26.77 -15.16
C MET A 283 -8.19 28.08 -14.44
N VAL A 284 -7.35 28.95 -15.01
CA VAL A 284 -6.91 30.15 -14.30
C VAL A 284 -8.09 31.06 -14.01
N SER A 285 -9.04 31.15 -14.92
CA SER A 285 -10.08 32.18 -14.83
C SER A 285 -11.10 31.86 -13.73
N SER A 286 -11.51 30.60 -13.63
CA SER A 286 -12.60 30.22 -12.75
C SER A 286 -12.14 29.67 -11.40
N MET A 287 -10.84 29.38 -11.25
CA MET A 287 -10.35 28.76 -10.03
C MET A 287 -10.57 29.63 -8.80
N GLN A 288 -10.52 30.96 -8.96
CA GLN A 288 -10.77 31.84 -7.81
C GLN A 288 -12.19 31.69 -7.28
N GLN A 289 -13.08 31.04 -8.03
CA GLN A 289 -14.39 30.69 -7.53
C GLN A 289 -14.45 29.26 -7.02
N ILE A 290 -13.57 28.39 -7.50
CA ILE A 290 -13.58 27.00 -7.06
C ILE A 290 -12.94 26.86 -5.69
N LEU A 291 -11.92 27.67 -5.40
CA LEU A 291 -11.25 27.56 -4.12
C LEU A 291 -12.17 27.78 -2.93
N PRO A 292 -13.04 28.79 -2.90
CA PRO A 292 -13.87 28.98 -1.70
C PRO A 292 -14.79 27.81 -1.39
N ILE A 293 -15.37 27.18 -2.41
CA ILE A 293 -16.27 26.07 -2.15
C ILE A 293 -15.50 24.85 -1.68
N VAL A 294 -14.30 24.64 -2.22
CA VAL A 294 -13.43 23.59 -1.69
C VAL A 294 -13.12 23.85 -0.22
N TRP A 295 -12.85 25.11 0.12
CA TRP A 295 -12.58 25.48 1.50
C TRP A 295 -13.76 25.17 2.40
N ASN A 296 -14.97 25.52 1.95
CA ASN A 296 -16.16 25.21 2.73
C ASN A 296 -16.34 23.71 2.89
N THR A 297 -16.09 22.95 1.82
CA THR A 297 -16.16 21.49 1.91
C THR A 297 -15.18 20.97 2.94
N LEU A 298 -13.96 21.49 2.93
CA LEU A 298 -12.94 21.05 3.87
C LEU A 298 -13.38 21.29 5.30
N THR A 299 -13.88 22.50 5.58
CA THR A 299 -14.26 22.83 6.95
C THR A 299 -15.45 22.00 7.40
N GLU A 300 -16.50 21.96 6.59
CA GLU A 300 -17.69 21.19 6.97
C GLU A 300 -17.34 19.71 7.14
N SER A 301 -16.50 19.17 6.27
CA SER A 301 -16.12 17.77 6.38
C SER A 301 -15.27 17.54 7.62
N ALA A 302 -14.45 18.52 8.00
CA ALA A 302 -13.70 18.40 9.24
C ALA A 302 -14.65 18.27 10.42
N ALA A 303 -15.64 19.17 10.49
CA ALA A 303 -16.62 19.09 11.57
C ALA A 303 -17.32 17.74 11.56
N PHE A 304 -17.77 17.29 10.37
CA PHE A 304 -18.52 16.05 10.28
C PHE A 304 -17.68 14.85 10.67
N TYR A 305 -16.41 14.84 10.25
CA TYR A 305 -15.52 13.75 10.61
C TYR A 305 -15.28 13.70 12.11
N VAL A 306 -14.91 14.84 12.69
CA VAL A 306 -14.67 14.89 14.13
C VAL A 306 -15.91 14.43 14.90
N ARG A 307 -17.10 14.72 14.36
CA ARG A 307 -18.31 14.29 15.04
C ARG A 307 -18.56 12.80 14.89
N THR A 308 -18.42 12.27 13.67
CA THR A 308 -18.98 10.97 13.34
C THR A 308 -17.98 9.83 13.33
N GLU A 309 -16.69 10.11 13.30
CA GLU A 309 -15.68 9.06 13.30
C GLU A 309 -14.72 9.16 14.47
N VAL A 310 -14.28 10.37 14.82
CA VAL A 310 -13.37 10.53 15.94
C VAL A 310 -14.08 10.23 17.25
N ASN A 311 -15.11 11.01 17.58
CA ASN A 311 -15.87 10.83 18.81
C ASN A 311 -17.11 10.00 18.51
N TYR A 312 -16.89 8.71 18.31
CA TYR A 312 -17.94 7.77 17.94
C TYR A 312 -18.37 6.99 19.17
N THR A 313 -19.35 7.53 19.89
CA THR A 313 -19.89 6.90 21.09
C THR A 313 -18.80 6.55 22.10
N GLY A 328 -17.17 5.80 2.80
CA GLY A 328 -16.57 6.52 1.69
C GLY A 328 -16.13 7.91 2.06
N PHE A 329 -16.52 8.35 3.24
CA PHE A 329 -16.13 9.69 3.68
C PHE A 329 -14.61 9.80 3.81
N GLU A 330 -13.95 8.72 4.21
CA GLU A 330 -12.50 8.69 4.16
C GLU A 330 -11.99 8.99 2.76
N ASN A 331 -12.62 8.39 1.74
CA ASN A 331 -12.22 8.67 0.37
C ASN A 331 -12.45 10.13 0.02
N LEU A 332 -13.53 10.72 0.54
CA LEU A 332 -13.74 12.15 0.30
C LEU A 332 -12.61 12.97 0.88
N VAL A 333 -12.21 12.67 2.11
CA VAL A 333 -11.14 13.43 2.74
C VAL A 333 -9.84 13.28 1.95
N PHE A 334 -9.55 12.06 1.52
CA PHE A 334 -8.34 11.85 0.71
C PHE A 334 -8.42 12.63 -0.59
N SER A 335 -9.62 12.76 -1.16
CA SER A 335 -9.75 13.53 -2.39
C SER A 335 -9.45 15.00 -2.13
N ILE A 336 -9.98 15.56 -1.04
CA ILE A 336 -9.69 16.95 -0.73
C ILE A 336 -8.19 17.16 -0.55
N PHE A 337 -7.54 16.21 0.13
CA PHE A 337 -6.10 16.35 0.34
C PHE A 337 -5.33 16.25 -0.97
N GLU A 338 -5.73 15.34 -1.85
CA GLU A 338 -5.08 15.24 -3.15
C GLU A 338 -5.26 16.53 -3.93
N PHE A 339 -6.44 17.14 -3.82
CA PHE A 339 -6.66 18.43 -4.48
C PHE A 339 -5.70 19.48 -3.97
N VAL A 340 -5.54 19.57 -2.65
CA VAL A 340 -4.60 20.54 -2.10
C VAL A 340 -3.19 20.25 -2.58
N HIS A 341 -2.79 18.98 -2.58
CA HIS A 341 -1.48 18.60 -3.09
C HIS A 341 -1.28 19.12 -4.51
N ALA A 342 -2.22 18.83 -5.39
CA ALA A 342 -2.10 19.27 -6.78
C ALA A 342 -2.06 20.79 -6.87
N LEU A 343 -2.85 21.47 -6.04
CA LEU A 343 -2.86 22.92 -6.04
C LEU A 343 -1.50 23.47 -5.66
N LEU A 344 -0.76 22.74 -4.82
CA LEU A 344 0.59 23.18 -4.48
C LEU A 344 1.56 23.02 -5.65
N GLU A 345 1.18 22.29 -6.69
CA GLU A 345 2.12 21.97 -7.74
C GLU A 345 2.27 23.11 -8.74
N ASN A 346 1.16 23.55 -9.33
CA ASN A 346 1.21 24.58 -10.36
C ASN A 346 1.82 25.87 -9.80
N SER A 347 2.89 26.32 -10.42
CA SER A 347 3.62 27.49 -9.91
C SER A 347 2.71 28.69 -9.75
N LYS A 348 1.86 28.96 -10.75
CA LYS A 348 0.93 30.07 -10.63
C LYS A 348 -0.05 29.84 -9.49
N PHE A 349 -0.38 28.59 -9.22
CA PHE A 349 -1.28 28.25 -8.12
C PHE A 349 -0.56 28.06 -6.79
N LYS A 350 0.76 28.26 -6.76
CA LYS A 350 1.49 28.03 -5.52
C LYS A 350 1.15 29.08 -4.47
N SER A 351 1.21 30.36 -4.85
CA SER A 351 0.93 31.44 -3.90
C SER A 351 -0.52 31.42 -3.44
N THR A 352 -1.40 30.67 -4.11
CA THR A 352 -2.80 30.64 -3.72
C THR A 352 -2.98 30.00 -2.36
N VAL A 353 -2.19 28.97 -2.06
CA VAL A 353 -2.34 28.29 -0.77
C VAL A 353 -1.62 29.05 0.33
N LYS A 354 -0.50 29.69 0.01
CA LYS A 354 0.30 30.35 1.03
C LYS A 354 -0.48 31.47 1.70
N LYS A 355 -1.38 32.13 0.97
CA LYS A 355 -2.14 33.23 1.55
C LYS A 355 -3.06 32.74 2.66
N ALA A 356 -3.63 31.54 2.51
CA ALA A 356 -4.54 30.99 3.50
C ALA A 356 -3.91 29.86 4.31
N LEU A 357 -2.59 29.71 4.27
CA LEU A 357 -1.94 28.63 4.99
C LEU A 357 -2.30 28.60 6.47
N PRO A 358 -2.20 29.68 7.25
CA PRO A 358 -2.53 29.58 8.68
C PRO A 358 -3.95 29.12 8.93
N GLU A 359 -4.84 29.28 7.96
CA GLU A 359 -6.20 28.80 8.10
C GLU A 359 -6.36 27.36 7.65
N LEU A 360 -5.32 26.77 7.04
CA LEU A 360 -5.40 25.39 6.60
C LEU A 360 -4.83 24.44 7.64
N ILE A 361 -3.68 24.80 8.23
CA ILE A 361 -3.01 23.91 9.16
C ILE A 361 -3.88 23.64 10.37
N TYR A 362 -4.75 24.57 10.73
CA TYR A 362 -5.68 24.32 11.82
C TYR A 362 -6.57 23.12 11.51
N TYR A 363 -7.15 23.08 10.31
CA TYR A 363 -8.02 21.97 9.99
C TYR A 363 -7.23 20.69 9.72
N ILE A 364 -6.02 20.82 9.18
CA ILE A 364 -5.13 19.66 9.10
C ILE A 364 -4.97 19.02 10.46
N ILE A 365 -4.47 19.79 11.43
CA ILE A 365 -4.32 19.28 12.79
C ILE A 365 -5.65 18.80 13.34
N LEU A 366 -6.75 19.38 12.86
CA LEU A 366 -8.05 18.90 13.28
C LEU A 366 -8.32 17.50 12.75
N TYR A 367 -7.68 17.15 11.63
CA TYR A 367 -7.92 15.83 11.04
C TYR A 367 -7.04 14.74 11.64
N MET A 368 -5.91 15.10 12.23
CA MET A 368 -4.93 14.12 12.69
C MET A 368 -5.32 13.46 14.01
N GLN A 369 -6.55 13.61 14.45
CA GLN A 369 -6.95 13.00 15.72
C GLN A 369 -7.13 11.50 15.55
N ILE A 370 -6.73 10.74 16.56
CA ILE A 370 -6.93 9.29 16.51
C ILE A 370 -8.41 8.97 16.67
N THR A 371 -8.93 8.16 15.77
CA THR A 371 -10.32 7.79 15.76
C THR A 371 -10.57 6.63 16.72
N GLU A 372 -11.81 6.53 17.19
CA GLU A 372 -12.15 5.50 18.16
C GLU A 372 -11.87 4.10 17.63
N GLU A 373 -12.20 3.84 16.36
CA GLU A 373 -11.90 2.55 15.77
C GLU A 373 -10.41 2.25 15.86
N GLN A 374 -9.58 3.25 15.58
CA GLN A 374 -8.14 3.03 15.65
C GLN A 374 -7.67 2.80 17.07
N ILE A 375 -8.26 3.47 18.05
CA ILE A 375 -7.91 3.20 19.45
C ILE A 375 -8.23 1.76 19.78
N LYS A 376 -9.41 1.29 19.39
CA LYS A 376 -9.77 -0.09 19.66
C LYS A 376 -8.77 -1.05 19.02
N VAL A 377 -8.47 -0.85 17.74
CA VAL A 377 -7.54 -1.75 17.06
C VAL A 377 -6.19 -1.74 17.74
N TRP A 378 -5.63 -0.54 17.98
CA TRP A 378 -4.30 -0.44 18.55
C TRP A 378 -4.23 -1.05 19.94
N THR A 379 -5.26 -0.87 20.77
CA THR A 379 -5.27 -1.55 22.06
C THR A 379 -5.32 -3.06 21.87
N ALA A 380 -6.03 -3.52 20.85
CA ALA A 380 -6.20 -4.96 20.66
C ALA A 380 -5.08 -5.61 19.88
N ASN A 381 -4.12 -4.84 19.33
CA ASN A 381 -3.12 -5.43 18.46
C ASN A 381 -1.89 -4.55 18.34
N PRO A 382 -0.99 -4.56 19.32
CA PRO A 382 0.15 -3.63 19.29
C PRO A 382 1.00 -3.72 18.04
N GLN A 383 1.04 -4.89 17.38
CA GLN A 383 1.72 -4.99 16.11
C GLN A 383 1.24 -3.92 15.15
N GLN A 384 -0.08 -3.76 15.05
CA GLN A 384 -0.63 -2.78 14.13
C GLN A 384 -0.25 -1.37 14.56
N PHE A 385 -0.15 -1.12 15.85
CA PHE A 385 0.26 0.20 16.30
C PHE A 385 1.69 0.49 15.90
N VAL A 386 2.55 -0.52 15.91
CA VAL A 386 3.93 -0.27 15.53
C VAL A 386 4.03 -0.11 14.03
N GLU A 387 3.22 -0.85 13.27
CA GLU A 387 3.30 -0.75 11.82
C GLU A 387 2.75 0.57 11.32
N ASP A 388 1.62 1.03 11.86
CA ASP A 388 0.97 2.22 11.33
C ASP A 388 1.71 3.48 11.73
N GLU A 389 1.84 3.73 13.03
CA GLU A 389 2.44 4.99 13.46
C GLU A 389 3.91 5.11 13.06
N ASP A 390 4.47 4.07 12.45
CA ASP A 390 5.83 4.17 11.92
C ASP A 390 5.88 5.23 10.83
N ASP A 391 7.06 5.77 10.58
CA ASP A 391 7.16 6.84 9.59
C ASP A 391 7.60 6.34 8.22
N ASP A 392 7.50 5.04 7.95
CA ASP A 392 7.69 4.50 6.61
C ASP A 392 6.66 3.42 6.32
N THR A 393 5.40 3.69 6.67
CA THR A 393 4.39 2.65 6.67
C THR A 393 3.82 2.43 5.28
N PHE A 394 2.91 1.47 5.21
CA PHE A 394 2.17 1.17 4.00
C PHE A 394 0.67 1.33 4.20
N SER A 395 0.23 1.40 5.45
CA SER A 395 -1.16 1.71 5.71
C SER A 395 -1.44 3.15 5.30
N TYR A 396 -2.71 3.44 5.03
CA TYR A 396 -3.11 4.78 4.58
C TYR A 396 -4.44 5.11 5.23
N THR A 397 -4.40 5.78 6.36
CA THR A 397 -5.56 6.31 7.05
C THR A 397 -5.50 7.83 7.04
N VAL A 398 -6.66 8.46 7.25
CA VAL A 398 -6.76 9.91 7.19
C VAL A 398 -5.62 10.57 7.94
N ARG A 399 -5.26 10.02 9.09
CA ARG A 399 -4.17 10.57 9.88
C ARG A 399 -2.89 10.66 9.06
N ILE A 400 -2.55 9.59 8.33
CA ILE A 400 -1.31 9.57 7.57
C ILE A 400 -1.37 10.56 6.42
N ALA A 401 -2.53 10.69 5.78
CA ALA A 401 -2.66 11.62 4.67
C ALA A 401 -2.50 13.05 5.14
N ALA A 402 -3.16 13.39 6.25
CA ALA A 402 -2.99 14.72 6.82
C ALA A 402 -1.54 14.98 7.18
N GLN A 403 -0.86 13.98 7.75
CA GLN A 403 0.55 14.15 8.08
C GLN A 403 1.39 14.42 6.83
N ASP A 404 1.09 13.73 5.74
CA ASP A 404 1.80 13.99 4.49
C ASP A 404 1.54 15.41 4.00
N LEU A 405 0.28 15.84 4.02
CA LEU A 405 -0.03 17.20 3.61
C LEU A 405 0.74 18.22 4.44
N LEU A 406 0.81 17.99 5.74
CA LEU A 406 1.48 18.94 6.62
C LEU A 406 2.98 18.98 6.33
N LEU A 407 3.61 17.81 6.21
CA LEU A 407 5.03 17.77 5.87
C LEU A 407 5.29 18.48 4.55
N ALA A 408 4.40 18.30 3.58
CA ALA A 408 4.61 18.95 2.28
C ALA A 408 4.51 20.47 2.40
N VAL A 409 3.38 20.97 2.91
CA VAL A 409 3.20 22.41 2.98
C VAL A 409 4.20 23.04 3.94
N ALA A 410 4.86 22.23 4.77
CA ALA A 410 5.93 22.78 5.59
C ALA A 410 7.23 22.85 4.81
N THR A 411 7.59 21.76 4.12
CA THR A 411 8.83 21.77 3.37
C THR A 411 8.78 22.70 2.16
N ASP A 412 7.60 23.21 1.80
CA ASP A 412 7.53 24.14 0.69
C ASP A 412 7.58 25.60 1.13
N PHE A 413 7.14 25.91 2.35
CA PHE A 413 7.06 27.28 2.82
C PHE A 413 7.61 27.39 4.24
N GLN A 414 8.82 26.86 4.43
CA GLN A 414 9.42 26.67 5.75
C GLN A 414 9.13 27.80 6.73
N ASN A 415 9.43 29.04 6.35
CA ASN A 415 9.23 30.15 7.28
C ASN A 415 7.74 30.42 7.50
N GLU A 416 7.00 30.62 6.41
CA GLU A 416 5.56 30.88 6.53
C GLU A 416 4.86 29.70 7.19
N SER A 417 5.20 28.48 6.80
CA SER A 417 4.56 27.31 7.37
C SER A 417 4.89 27.17 8.85
N ALA A 418 6.12 27.50 9.24
CA ALA A 418 6.47 27.46 10.64
C ALA A 418 5.66 28.46 11.45
N ALA A 419 5.59 29.70 10.97
CA ALA A 419 4.79 30.70 11.66
C ALA A 419 3.33 30.26 11.77
N ALA A 420 2.78 29.72 10.69
CA ALA A 420 1.38 29.33 10.67
C ALA A 420 1.14 28.16 11.60
N LEU A 421 2.04 27.18 11.62
CA LEU A 421 1.90 26.06 12.54
C LEU A 421 1.97 26.54 13.97
N ALA A 422 2.86 27.49 14.26
CA ALA A 422 2.91 28.06 15.61
C ALA A 422 1.57 28.67 15.99
N ALA A 423 1.04 29.55 15.14
CA ALA A 423 -0.21 30.23 15.46
C ALA A 423 -1.35 29.24 15.64
N ALA A 424 -1.44 28.23 14.75
CA ALA A 424 -2.55 27.30 14.81
C ALA A 424 -2.41 26.35 16.00
N ALA A 425 -1.19 25.97 16.34
CA ALA A 425 -0.97 25.19 17.54
C ALA A 425 -1.40 25.96 18.78
N THR A 426 -1.08 27.26 18.82
CA THR A 426 -1.50 28.08 19.96
C THR A 426 -3.02 28.16 20.04
N ARG A 427 -3.66 28.39 18.89
CA ARG A 427 -5.12 28.46 18.87
C ARG A 427 -5.74 27.14 19.33
N HIS A 428 -5.18 26.02 18.87
CA HIS A 428 -5.69 24.73 19.30
C HIS A 428 -5.47 24.52 20.79
N LEU A 429 -4.33 24.96 21.31
CA LEU A 429 -4.09 24.88 22.74
C LEU A 429 -5.15 25.65 23.52
N GLN A 430 -5.47 26.86 23.05
CA GLN A 430 -6.47 27.67 23.75
C GLN A 430 -7.83 27.00 23.72
N GLU A 431 -8.27 26.54 22.56
CA GLU A 431 -9.57 25.89 22.47
C GLU A 431 -9.60 24.60 23.29
N ALA A 432 -8.47 23.89 23.34
CA ALA A 432 -8.39 22.66 24.12
C ALA A 432 -8.50 22.96 25.60
N GLU A 433 -7.84 24.01 26.07
CA GLU A 433 -7.97 24.38 27.47
C GLU A 433 -9.40 24.80 27.79
N GLN A 434 -10.02 25.55 26.88
CA GLN A 434 -11.41 25.94 27.08
C GLN A 434 -12.31 24.72 27.24
N THR A 435 -12.24 23.78 26.30
CA THR A 435 -13.07 22.59 26.41
C THR A 435 -12.61 21.63 27.49
N LYS A 436 -11.41 21.81 28.03
CA LYS A 436 -10.94 21.02 29.15
C LYS A 436 -11.55 21.50 30.47
N ASN A 437 -11.63 22.82 30.65
CA ASN A 437 -12.27 23.35 31.85
C ASN A 437 -13.68 22.79 32.02
N SER A 438 -14.41 22.62 30.92
CA SER A 438 -15.71 22.00 30.95
C SER A 438 -15.64 20.49 31.11
N GLY A 439 -14.46 19.90 31.06
CA GLY A 439 -14.30 18.47 31.25
C GLY A 439 -14.86 17.60 30.15
N THR A 440 -14.58 17.96 28.90
CA THR A 440 -15.07 17.15 27.78
C THR A 440 -14.37 15.79 27.76
N GLU A 441 -15.14 14.75 27.49
CA GLU A 441 -14.60 13.40 27.50
C GLU A 441 -13.60 13.14 26.39
N HIS A 442 -13.52 14.01 25.39
CA HIS A 442 -12.63 13.84 24.25
C HIS A 442 -11.84 15.11 23.99
N TRP A 443 -11.28 15.67 25.06
CA TRP A 443 -10.49 16.89 24.92
C TRP A 443 -9.05 16.59 24.54
N TRP A 444 -8.54 15.42 24.91
CA TRP A 444 -7.12 15.14 24.75
C TRP A 444 -6.72 14.88 23.31
N LYS A 445 -7.64 14.38 22.48
CA LYS A 445 -7.27 14.05 21.11
C LYS A 445 -6.74 15.26 20.35
N ILE A 446 -7.08 16.47 20.77
CA ILE A 446 -6.51 17.64 20.13
C ILE A 446 -5.09 17.86 20.64
N HIS A 447 -4.81 17.47 21.87
CA HIS A 447 -3.45 17.54 22.37
C HIS A 447 -2.54 16.57 21.64
N GLU A 448 -3.00 15.33 21.44
CA GLU A 448 -2.25 14.37 20.67
C GLU A 448 -1.91 14.91 19.29
N ALA A 449 -2.91 15.39 18.57
CA ALA A 449 -2.67 15.86 17.20
C ALA A 449 -1.79 17.10 17.19
N CYS A 450 -1.97 18.01 18.15
CA CYS A 450 -1.12 19.19 18.20
C CYS A 450 0.33 18.80 18.42
N MET A 451 0.59 17.89 19.36
CA MET A 451 1.94 17.42 19.60
C MET A 451 2.52 16.74 18.36
N LEU A 452 1.70 15.92 17.69
CA LEU A 452 2.18 15.23 16.50
C LEU A 452 2.55 16.20 15.41
N ALA A 453 1.70 17.18 15.15
CA ALA A 453 2.00 18.15 14.12
C ALA A 453 3.26 18.95 14.47
N LEU A 454 3.41 19.32 15.74
CA LEU A 454 4.54 20.17 16.10
C LEU A 454 5.84 19.38 16.10
N GLY A 455 5.78 18.08 16.36
CA GLY A 455 6.99 17.28 16.34
C GLY A 455 7.39 16.79 14.96
N SER A 456 6.42 16.33 14.16
CA SER A 456 6.74 15.67 12.89
C SER A 456 7.44 16.61 11.92
N VAL A 457 7.58 17.87 12.26
CA VAL A 457 8.23 18.82 11.38
C VAL A 457 9.29 19.60 12.18
N LYS A 458 9.78 18.97 13.25
CA LYS A 458 10.62 19.61 14.26
C LYS A 458 11.68 20.54 13.69
N ALA A 459 12.19 20.22 12.50
CA ALA A 459 13.31 20.96 11.95
C ALA A 459 12.99 22.44 11.79
N ILE A 460 11.97 22.76 10.98
CA ILE A 460 11.71 24.15 10.64
C ILE A 460 11.26 24.94 11.86
N ILE A 461 10.41 24.34 12.69
CA ILE A 461 9.92 25.06 13.86
C ILE A 461 11.05 25.36 14.83
N THR A 462 11.86 24.35 15.14
CA THR A 462 12.96 24.57 16.08
C THR A 462 13.98 25.54 15.51
N ASP A 463 14.20 25.51 14.20
CA ASP A 463 15.12 26.45 13.58
C ASP A 463 14.59 27.88 13.67
N SER A 464 13.29 28.06 13.41
CA SER A 464 12.70 29.38 13.54
C SER A 464 12.78 29.88 14.98
N VAL A 465 12.58 28.98 15.94
CA VAL A 465 12.70 29.38 17.34
C VAL A 465 14.15 29.72 17.67
N LYS A 466 15.11 29.08 16.99
CA LYS A 466 16.52 29.37 17.23
C LYS A 466 16.81 30.84 16.94
N ASN A 467 16.21 31.39 15.90
CA ASN A 467 16.38 32.80 15.56
C ASN A 467 15.20 33.66 15.96
N GLY A 468 14.23 33.10 16.68
CA GLY A 468 13.10 33.87 17.16
C GLY A 468 12.26 34.49 16.07
N ARG A 469 12.16 33.84 14.91
CA ARG A 469 11.33 34.36 13.84
C ARG A 469 9.84 34.26 14.17
N ILE A 470 9.49 33.55 15.23
CA ILE A 470 8.11 33.45 15.70
C ILE A 470 8.08 33.86 17.17
N HIS A 471 6.89 33.79 17.76
CA HIS A 471 6.70 34.10 19.17
C HIS A 471 5.96 32.96 19.88
N PHE A 472 6.37 31.73 19.59
CA PHE A 472 5.82 30.55 20.24
C PHE A 472 6.78 30.14 21.36
N ASP A 473 6.28 30.14 22.59
CA ASP A 473 7.14 29.85 23.74
C ASP A 473 7.46 28.37 23.81
N MET A 474 8.66 28.00 23.36
CA MET A 474 9.07 26.59 23.37
C MET A 474 9.15 26.05 24.78
N HIS A 475 9.83 26.77 25.68
CA HIS A 475 9.90 26.34 27.07
C HIS A 475 8.52 26.22 27.68
N GLY A 476 7.67 27.23 27.46
CA GLY A 476 6.29 27.14 27.92
C GLY A 476 5.56 25.97 27.30
N PHE A 477 5.80 25.71 26.02
CA PHE A 477 5.16 24.57 25.37
C PHE A 477 5.52 23.27 26.09
N LEU A 478 6.82 23.02 26.27
CA LEU A 478 7.25 21.78 26.88
C LEU A 478 6.77 21.67 28.31
N THR A 479 6.78 22.76 29.07
CA THR A 479 6.40 22.70 30.47
C THR A 479 4.90 22.52 30.64
N ASN A 480 4.11 23.46 30.11
CA ASN A 480 2.67 23.44 30.35
C ASN A 480 1.94 22.43 29.49
N VAL A 481 2.49 22.03 28.34
CA VAL A 481 1.81 21.15 27.41
C VAL A 481 2.36 19.73 27.48
N ILE A 482 3.65 19.55 27.20
CA ILE A 482 4.22 18.22 27.15
C ILE A 482 4.36 17.65 28.55
N LEU A 483 5.18 18.30 29.39
CA LEU A 483 5.51 17.73 30.69
C LEU A 483 4.29 17.64 31.59
N ALA A 484 3.46 18.68 31.61
CA ALA A 484 2.28 18.69 32.48
C ALA A 484 1.36 17.51 32.18
N ASP A 485 1.30 17.09 30.91
CA ASP A 485 0.41 16.00 30.54
C ASP A 485 1.04 14.63 30.80
N LEU A 486 2.31 14.58 31.18
CA LEU A 486 2.91 13.30 31.53
C LEU A 486 2.38 12.79 32.87
N ASN A 487 1.77 13.66 33.66
CA ASN A 487 1.32 13.28 35.00
C ASN A 487 -0.15 12.87 35.03
N LEU A 488 -0.92 13.20 34.00
CA LEU A 488 -2.34 12.89 33.99
C LEU A 488 -2.57 11.39 33.88
N SER A 489 -3.84 11.01 33.95
CA SER A 489 -4.28 9.62 33.81
C SER A 489 -5.50 9.55 32.91
N VAL A 490 -5.43 10.25 31.78
CA VAL A 490 -6.56 10.33 30.86
C VAL A 490 -6.58 9.15 29.89
N SER A 491 -5.48 8.90 29.19
CA SER A 491 -5.43 7.78 28.26
C SER A 491 -3.97 7.48 27.94
N PRO A 492 -3.61 6.21 27.71
CA PRO A 492 -2.20 5.89 27.45
C PRO A 492 -1.63 6.59 26.24
N PHE A 493 -2.38 6.64 25.13
CA PHE A 493 -1.81 7.14 23.89
C PHE A 493 -1.32 8.57 24.03
N LEU A 494 -1.99 9.38 24.86
CA LEU A 494 -1.49 10.73 25.10
C LEU A 494 -0.13 10.68 25.80
N LEU A 495 0.00 9.80 26.79
CA LEU A 495 1.28 9.64 27.47
C LEU A 495 2.38 9.28 26.48
N GLY A 496 2.09 8.33 25.61
CA GLY A 496 3.09 7.90 24.64
C GLY A 496 3.44 8.99 23.64
N ARG A 497 2.43 9.70 23.16
CA ARG A 497 2.68 10.79 22.24
C ARG A 497 3.49 11.89 22.90
N ALA A 498 3.24 12.15 24.17
CA ALA A 498 4.03 13.16 24.89
C ALA A 498 5.48 12.73 25.01
N LEU A 499 5.70 11.47 25.40
CA LEU A 499 7.06 10.94 25.40
C LEU A 499 7.72 11.15 24.05
N TRP A 500 7.06 10.71 22.98
CA TRP A 500 7.65 10.81 21.65
C TRP A 500 7.88 12.26 21.24
N ALA A 501 7.07 13.18 21.78
CA ALA A 501 7.19 14.58 21.40
C ALA A 501 8.34 15.25 22.12
N ALA A 502 8.57 14.90 23.38
CA ALA A 502 9.71 15.47 24.09
C ALA A 502 11.02 15.13 23.39
N SER A 503 11.04 14.04 22.63
CA SER A 503 12.24 13.62 21.93
C SER A 503 12.76 14.66 20.94
N ARG A 504 11.85 15.31 20.20
CA ARG A 504 12.30 16.16 19.11
C ARG A 504 12.92 17.46 19.62
N PHE A 505 12.33 18.06 20.65
CA PHE A 505 12.72 19.39 21.09
C PHE A 505 13.83 19.38 22.13
N THR A 506 14.65 18.31 22.14
CA THR A 506 15.75 18.22 23.09
C THR A 506 16.73 19.37 22.95
N VAL A 507 16.94 19.91 21.75
CA VAL A 507 17.90 20.97 21.57
C VAL A 507 17.45 22.23 22.29
N ALA A 508 16.19 22.25 22.74
CA ALA A 508 15.64 23.40 23.47
C ALA A 508 14.91 22.86 24.70
N MET A 509 15.64 22.67 25.79
CA MET A 509 15.06 22.30 27.07
C MET A 509 16.16 22.36 28.13
N SER A 510 15.75 22.60 29.37
CA SER A 510 16.70 22.71 30.46
C SER A 510 17.24 21.32 30.82
N PRO A 511 18.45 21.25 31.39
CA PRO A 511 18.95 19.96 31.87
C PRO A 511 18.02 19.30 32.87
N GLU A 512 17.41 20.06 33.77
CA GLU A 512 16.41 19.49 34.67
C GLU A 512 15.24 18.93 33.89
N LEU A 513 14.81 19.64 32.84
CA LEU A 513 13.77 19.10 31.97
C LEU A 513 14.22 17.80 31.32
N ILE A 514 15.46 17.74 30.86
CA ILE A 514 15.98 16.53 30.25
C ILE A 514 15.89 15.37 31.23
N GLN A 515 16.33 15.61 32.47
CA GLN A 515 16.29 14.54 33.46
C GLN A 515 14.85 14.13 33.77
N GLN A 516 13.94 15.09 33.85
CA GLN A 516 12.53 14.77 34.06
C GLN A 516 12.02 13.85 32.95
N PHE A 517 12.23 14.25 31.70
CA PHE A 517 11.71 13.48 30.58
C PHE A 517 12.34 12.10 30.51
N LEU A 518 13.65 12.02 30.68
CA LEU A 518 14.30 10.71 30.63
C LEU A 518 13.84 9.81 31.77
N GLN A 519 13.61 10.39 32.96
CA GLN A 519 13.14 9.59 34.06
C GLN A 519 11.74 9.05 33.79
N ALA A 520 10.88 9.89 33.19
CA ALA A 520 9.55 9.40 32.82
C ALA A 520 9.65 8.32 31.76
N THR A 521 10.50 8.53 30.76
CA THR A 521 10.62 7.59 29.65
C THR A 521 11.12 6.23 30.12
N VAL A 522 12.21 6.21 30.88
CA VAL A 522 12.75 4.95 31.37
C VAL A 522 11.69 4.21 32.18
N SER A 523 10.92 4.94 32.97
CA SER A 523 9.80 4.32 33.65
C SER A 523 8.76 3.82 32.67
N GLY A 524 8.82 4.25 31.41
CA GLY A 524 7.89 3.79 30.42
C GLY A 524 8.14 2.40 29.87
N LEU A 525 9.38 1.93 29.94
CA LEU A 525 9.68 0.59 29.44
C LEU A 525 9.16 -0.50 30.36
N HIS A 526 8.79 -0.16 31.60
CA HIS A 526 8.40 -1.14 32.59
C HIS A 526 7.16 -1.92 32.13
N GLU A 527 6.88 -3.01 32.85
CA GLU A 527 5.72 -3.83 32.52
C GLU A 527 4.44 -3.26 33.10
N THR A 528 4.54 -2.38 34.10
CA THR A 528 3.35 -1.83 34.74
C THR A 528 2.53 -1.00 33.75
N GLN A 529 3.19 -0.38 32.79
CA GLN A 529 2.51 0.44 31.82
C GLN A 529 2.01 -0.41 30.65
N PRO A 530 0.98 0.05 29.94
CA PRO A 530 0.48 -0.70 28.80
C PRO A 530 1.52 -0.78 27.71
N PRO A 531 1.34 -1.68 26.72
CA PRO A 531 2.39 -1.83 25.70
C PRO A 531 2.58 -0.61 24.82
N SER A 532 1.52 0.13 24.52
CA SER A 532 1.62 1.24 23.59
C SER A 532 2.58 2.32 24.10
N VAL A 533 2.43 2.70 25.37
CA VAL A 533 3.34 3.70 25.91
C VAL A 533 4.76 3.17 25.95
N ARG A 534 4.93 1.85 26.15
CA ARG A 534 6.27 1.28 26.11
C ARG A 534 6.89 1.44 24.73
N ILE A 535 6.14 1.10 23.69
CA ILE A 535 6.66 1.24 22.33
C ILE A 535 7.01 2.68 22.03
N SER A 536 6.12 3.60 22.38
CA SER A 536 6.41 5.00 22.12
C SER A 536 7.63 5.46 22.92
N ALA A 537 7.80 4.92 24.12
CA ALA A 537 8.97 5.27 24.91
C ALA A 537 10.25 4.79 24.24
N VAL A 538 10.19 3.59 23.64
CA VAL A 538 11.36 3.09 22.91
C VAL A 538 11.70 4.04 21.76
N ARG A 539 10.68 4.49 21.03
CA ARG A 539 10.94 5.43 19.95
C ARG A 539 11.53 6.73 20.49
N ALA A 540 11.05 7.16 21.65
CA ALA A 540 11.59 8.37 22.27
C ALA A 540 13.05 8.17 22.62
N ILE A 541 13.41 6.97 23.08
CA ILE A 541 14.80 6.70 23.42
C ILE A 541 15.67 6.76 22.18
N TRP A 542 15.15 6.25 21.06
CA TRP A 542 15.85 6.43 19.79
C TRP A 542 16.09 7.91 19.52
N GLY A 543 15.04 8.71 19.67
CA GLY A 543 15.17 10.14 19.43
C GLY A 543 16.22 10.80 20.31
N TYR A 544 16.22 10.44 21.60
CA TYR A 544 17.20 11.00 22.51
C TYR A 544 18.61 10.61 22.10
N CYS A 545 18.82 9.31 21.91
CA CYS A 545 20.16 8.82 21.56
C CYS A 545 20.65 9.43 20.27
N ASP A 546 19.74 9.83 19.38
CA ASP A 546 20.17 10.50 18.16
C ASP A 546 20.49 11.96 18.41
N GLN A 547 19.54 12.70 18.98
CA GLN A 547 19.68 14.15 19.12
C GLN A 547 20.85 14.49 20.04
N LEU A 548 20.87 13.93 21.25
CA LEU A 548 21.93 14.26 22.20
C LEU A 548 23.30 13.93 21.63
N LYS A 549 23.43 12.79 20.94
CA LYS A 549 24.70 12.45 20.32
C LYS A 549 25.08 13.48 19.27
N VAL A 550 24.14 13.87 18.40
CA VAL A 550 24.41 14.95 17.47
C VAL A 550 24.67 16.24 18.21
N SER A 551 23.99 16.43 19.34
CA SER A 551 24.24 17.61 20.18
C SER A 551 25.52 17.48 20.99
N GLU A 552 26.16 16.30 21.00
CA GLU A 552 27.40 16.08 21.73
C GLU A 552 27.26 16.42 23.20
N SER A 553 26.22 15.89 23.83
CA SER A 553 25.92 16.15 25.22
C SER A 553 25.47 14.87 25.93
N THR A 554 26.01 13.73 25.49
CA THR A 554 25.51 12.43 25.93
C THR A 554 25.77 12.16 27.40
N HIS A 555 26.61 12.95 28.07
CA HIS A 555 26.86 12.70 29.48
C HIS A 555 25.61 12.91 30.33
N VAL A 556 24.54 13.47 29.75
CA VAL A 556 23.27 13.52 30.44
C VAL A 556 22.55 12.18 30.38
N LEU A 557 22.71 11.44 29.27
CA LEU A 557 22.14 10.11 29.16
C LEU A 557 22.99 9.04 29.83
N GLN A 558 24.25 9.36 30.12
CA GLN A 558 25.14 8.36 30.69
C GLN A 558 24.59 7.64 31.92
N PRO A 559 24.06 8.32 32.94
CA PRO A 559 23.59 7.58 34.13
C PRO A 559 22.32 6.79 33.91
N PHE A 560 21.71 6.84 32.73
CA PHE A 560 20.47 6.13 32.46
C PHE A 560 20.65 4.88 31.61
N LEU A 561 21.85 4.64 31.09
CA LEU A 561 22.03 3.52 30.18
C LEU A 561 21.57 2.17 30.74
N PRO A 562 22.09 1.67 31.86
CA PRO A 562 21.77 0.28 32.25
C PRO A 562 20.29 0.04 32.41
N SER A 563 19.55 1.01 32.96
CA SER A 563 18.10 0.88 33.01
C SER A 563 17.51 0.85 31.61
N ILE A 564 18.00 1.72 30.72
CA ILE A 564 17.50 1.75 29.35
C ILE A 564 17.71 0.41 28.67
N LEU A 565 18.94 -0.10 28.75
CA LEU A 565 19.24 -1.35 28.06
C LEU A 565 18.49 -2.52 28.67
N ASP A 566 18.33 -2.52 30.00
CA ASP A 566 17.57 -3.58 30.63
C ASP A 566 16.11 -3.56 30.17
N GLY A 567 15.52 -2.37 30.10
CA GLY A 567 14.15 -2.26 29.62
C GLY A 567 14.02 -2.71 28.18
N LEU A 568 14.94 -2.28 27.32
CA LEU A 568 14.91 -2.71 25.93
C LEU A 568 14.97 -4.23 25.82
N ILE A 569 15.98 -4.84 26.47
CA ILE A 569 16.12 -6.28 26.42
C ILE A 569 14.85 -6.97 26.88
N HIS A 570 14.31 -6.54 28.03
CA HIS A 570 13.13 -7.20 28.57
C HIS A 570 11.93 -7.02 27.64
N LEU A 571 11.85 -5.90 26.94
CA LEU A 571 10.76 -5.70 25.99
C LEU A 571 10.88 -6.66 24.82
N ALA A 572 12.07 -6.72 24.21
CA ALA A 572 12.24 -7.56 23.01
C ALA A 572 11.88 -9.01 23.28
N ALA A 573 11.96 -9.45 24.53
CA ALA A 573 11.64 -10.84 24.85
C ALA A 573 10.16 -11.06 25.05
N GLN A 574 9.35 -10.00 25.07
CA GLN A 574 7.92 -10.17 25.20
C GLN A 574 7.24 -10.23 23.84
N PHE A 575 7.46 -9.22 23.00
CA PHE A 575 6.83 -9.15 21.69
C PHE A 575 7.76 -9.69 20.62
N SER A 576 7.17 -10.19 19.54
CA SER A 576 7.86 -11.09 18.64
C SER A 576 8.50 -10.39 17.44
N SER A 577 7.73 -9.78 16.56
CA SER A 577 8.25 -9.45 15.24
C SER A 577 8.34 -7.96 14.98
N GLU A 578 7.23 -7.23 15.02
CA GLU A 578 7.29 -5.83 14.61
C GLU A 578 7.87 -4.97 15.71
N VAL A 579 7.53 -5.28 16.97
CA VAL A 579 8.14 -4.57 18.08
C VAL A 579 9.64 -4.83 18.12
N LEU A 580 10.05 -6.06 17.79
CA LEU A 580 11.46 -6.40 17.76
C LEU A 580 12.19 -5.64 16.66
N ASN A 581 11.56 -5.54 15.48
CA ASN A 581 12.14 -4.80 14.36
C ASN A 581 12.47 -3.36 14.73
N LEU A 582 11.89 -2.85 15.81
CA LEU A 582 12.16 -1.50 16.30
C LEU A 582 13.13 -1.52 17.48
N VAL A 583 12.92 -2.48 18.39
CA VAL A 583 13.77 -2.58 19.58
C VAL A 583 15.21 -2.76 19.18
N MET A 584 15.47 -3.61 18.18
CA MET A 584 16.86 -3.85 17.80
C MET A 584 17.52 -2.60 17.24
N GLU A 585 16.78 -1.80 16.46
CA GLU A 585 17.36 -0.57 15.94
C GLU A 585 17.67 0.40 17.07
N THR A 586 16.75 0.55 18.00
CA THR A 586 17.02 1.41 19.16
C THR A 586 18.23 0.89 19.94
N LEU A 587 18.38 -0.43 20.01
CA LEU A 587 19.52 -1.01 20.71
C LEU A 587 20.82 -0.67 20.01
N CYS A 588 20.81 -0.70 18.67
CA CYS A 588 21.99 -0.31 17.91
C CYS A 588 22.37 1.13 18.23
N ILE A 589 21.39 2.03 18.22
CA ILE A 589 21.71 3.43 18.50
C ILE A 589 22.21 3.59 19.93
N VAL A 590 21.61 2.86 20.88
CA VAL A 590 22.04 2.92 22.27
C VAL A 590 23.50 2.49 22.38
N CYS A 591 23.87 1.41 21.70
CA CYS A 591 25.27 1.02 21.67
C CYS A 591 26.13 2.15 21.12
N THR A 592 25.66 2.82 20.07
CA THR A 592 26.42 3.93 19.52
C THR A 592 26.57 5.09 20.51
N VAL A 593 25.70 5.16 21.51
CA VAL A 593 25.72 6.31 22.44
C VAL A 593 27.10 6.44 23.09
N ASP A 594 27.50 5.44 23.86
CA ASP A 594 28.74 5.49 24.61
C ASP A 594 29.43 4.14 24.61
N PRO A 595 30.65 4.02 24.09
CA PRO A 595 31.28 2.70 23.98
C PRO A 595 31.69 2.12 25.31
N GLU A 596 32.06 2.95 26.29
CA GLU A 596 32.51 2.43 27.57
C GLU A 596 31.43 1.61 28.25
N PHE A 597 30.19 2.12 28.25
CA PHE A 597 29.08 1.39 28.86
C PHE A 597 28.90 0.02 28.21
N THR A 598 28.87 -0.02 26.87
CA THR A 598 28.76 -1.31 26.18
C THR A 598 29.92 -2.23 26.55
N ALA A 599 31.13 -1.68 26.62
CA ALA A 599 32.28 -2.47 27.04
C ALA A 599 32.07 -3.04 28.43
N SER A 600 31.32 -2.33 29.27
CA SER A 600 31.05 -2.85 30.60
C SER A 600 29.97 -3.93 30.56
N MET A 601 28.96 -3.76 29.72
CA MET A 601 27.78 -4.61 29.72
C MET A 601 27.63 -5.38 28.41
N GLU A 602 28.72 -5.64 27.71
CA GLU A 602 28.65 -6.41 26.47
C GLU A 602 28.13 -7.82 26.71
N SER A 603 28.39 -8.37 27.90
CA SER A 603 27.93 -9.71 28.24
C SER A 603 26.42 -9.84 28.20
N LYS A 604 25.69 -8.73 28.08
CA LYS A 604 24.25 -8.76 27.89
C LYS A 604 23.84 -8.56 26.43
N ILE A 605 24.45 -7.58 25.76
CA ILE A 605 24.08 -7.30 24.38
C ILE A 605 24.42 -8.47 23.48
N CYS A 606 25.67 -8.96 23.56
CA CYS A 606 26.12 -9.97 22.60
C CYS A 606 25.27 -11.25 22.65
N PRO A 607 24.99 -11.86 23.81
CA PRO A 607 24.20 -13.10 23.78
C PRO A 607 22.79 -12.88 23.28
N PHE A 608 22.13 -11.80 23.69
CA PHE A 608 20.78 -11.54 23.21
C PHE A 608 20.76 -11.30 21.71
N THR A 609 21.65 -10.44 21.22
CA THR A 609 21.69 -10.16 19.79
C THR A 609 21.92 -11.44 18.99
N ILE A 610 22.82 -12.30 19.47
CA ILE A 610 23.10 -13.53 18.74
C ILE A 610 21.88 -14.47 18.79
N ALA A 611 21.25 -14.59 19.95
CA ALA A 611 20.09 -15.46 20.07
C ALA A 611 18.96 -14.99 19.17
N ILE A 612 18.77 -13.68 19.07
CA ILE A 612 17.72 -13.16 18.21
C ILE A 612 18.06 -13.36 16.74
N PHE A 613 19.30 -13.01 16.36
CA PHE A 613 19.72 -13.23 14.99
C PHE A 613 19.59 -14.69 14.60
N LEU A 614 19.65 -15.60 15.57
CA LEU A 614 19.43 -17.00 15.26
C LEU A 614 17.94 -17.30 15.11
N LYS A 615 17.15 -17.04 16.16
CA LYS A 615 15.74 -17.43 16.14
C LYS A 615 14.94 -16.65 15.10
N TYR A 616 15.32 -15.40 14.83
CA TYR A 616 14.56 -14.57 13.90
C TYR A 616 15.40 -14.19 12.69
N SER A 617 16.12 -15.16 12.12
CA SER A 617 17.09 -14.87 11.08
C SER A 617 16.47 -14.54 9.73
N ASN A 618 15.23 -14.98 9.48
CA ASN A 618 14.65 -14.85 8.15
CA ASN A 618 14.67 -14.84 8.15
C ASN A 618 14.46 -13.38 7.76
N ASP A 619 13.89 -12.59 8.65
CA ASP A 619 13.57 -11.20 8.37
C ASP A 619 14.78 -10.49 7.76
N PRO A 620 14.60 -9.63 6.77
CA PRO A 620 15.74 -8.87 6.25
C PRO A 620 16.17 -7.74 7.17
N VAL A 621 15.23 -6.99 7.75
CA VAL A 621 15.61 -5.87 8.59
C VAL A 621 16.18 -6.37 9.91
N VAL A 622 15.73 -7.53 10.39
CA VAL A 622 16.37 -8.13 11.55
C VAL A 622 17.82 -8.47 11.26
N ALA A 623 18.09 -9.06 10.10
CA ALA A 623 19.47 -9.38 9.74
C ALA A 623 20.31 -8.12 9.64
N SER A 624 19.80 -7.10 8.95
CA SER A 624 20.57 -5.87 8.82
C SER A 624 20.81 -5.21 10.16
N LEU A 625 19.83 -5.27 11.07
CA LEU A 625 20.00 -4.68 12.39
C LEU A 625 21.04 -5.45 13.20
N ALA A 626 21.01 -6.78 13.12
CA ALA A 626 22.03 -7.57 13.78
C ALA A 626 23.41 -7.21 13.26
N GLN A 627 23.54 -7.11 11.94
CA GLN A 627 24.83 -6.75 11.36
C GLN A 627 25.27 -5.36 11.83
N ASP A 628 24.32 -4.43 11.95
CA ASP A 628 24.67 -3.10 12.44
C ASP A 628 25.12 -3.12 13.89
N ILE A 629 24.42 -3.89 14.73
CA ILE A 629 24.86 -4.03 16.12
C ILE A 629 26.28 -4.55 16.18
N PHE A 630 26.54 -5.65 15.47
CA PHE A 630 27.88 -6.24 15.51
C PHE A 630 28.92 -5.28 14.96
N LYS A 631 28.56 -4.49 13.95
CA LYS A 631 29.50 -3.51 13.42
C LYS A 631 29.83 -2.45 14.45
N GLU A 632 28.81 -1.84 15.06
CA GLU A 632 29.05 -0.82 16.07
C GLU A 632 29.72 -1.43 17.30
N LEU A 633 29.41 -2.68 17.61
CA LEU A 633 30.01 -3.35 18.76
C LEU A 633 31.47 -3.68 18.52
N SER A 634 31.88 -3.87 17.26
CA SER A 634 33.23 -4.32 16.98
C SER A 634 34.24 -3.18 17.09
N GLN A 635 33.78 -1.93 17.14
CA GLN A 635 34.71 -0.83 17.33
C GLN A 635 35.33 -0.88 18.71
N ILE A 636 34.59 -1.38 19.70
CA ILE A 636 35.09 -1.43 21.06
C ILE A 636 36.12 -2.53 21.20
N GLU A 637 37.39 -2.14 21.33
CA GLU A 637 38.46 -3.10 21.47
C GLU A 637 38.34 -3.93 22.74
N ALA A 638 37.68 -3.40 23.78
CA ALA A 638 37.50 -4.17 25.00
C ALA A 638 36.50 -5.29 24.80
N CYS A 639 35.59 -5.15 23.83
CA CYS A 639 34.60 -6.16 23.53
C CYS A 639 35.10 -7.23 22.58
N GLN A 640 36.27 -7.03 21.97
CA GLN A 640 36.78 -7.97 20.97
C GLN A 640 36.76 -9.40 21.47
N GLY A 641 37.48 -9.67 22.57
CA GLY A 641 37.62 -11.01 23.10
C GLY A 641 36.32 -11.74 23.29
N PRO A 642 35.45 -11.22 24.17
CA PRO A 642 34.18 -11.91 24.42
C PRO A 642 33.29 -12.01 23.21
N MET A 643 33.21 -10.94 22.40
CA MET A 643 32.37 -10.98 21.21
C MET A 643 32.81 -12.09 20.27
N GLN A 644 34.11 -12.15 19.97
CA GLN A 644 34.61 -13.21 19.11
C GLN A 644 34.35 -14.58 19.72
N MET A 645 34.74 -14.76 20.98
CA MET A 645 34.60 -16.06 21.63
C MET A 645 33.16 -16.54 21.64
N ARG A 646 32.20 -15.62 21.71
CA ARG A 646 30.79 -15.99 21.78
C ARG A 646 30.14 -16.11 20.41
N LEU A 647 30.68 -15.43 19.40
CA LEU A 647 30.06 -15.38 18.07
C LEU A 647 30.67 -16.38 17.10
N ILE A 648 32.00 -16.37 16.98
CA ILE A 648 32.65 -17.20 15.96
C ILE A 648 32.25 -18.66 16.05
N PRO A 649 32.12 -19.27 17.23
CA PRO A 649 31.60 -20.65 17.27
C PRO A 649 30.25 -20.82 16.59
N THR A 650 29.27 -19.95 16.90
CA THR A 650 27.96 -20.07 16.27
C THR A 650 28.05 -19.80 14.79
N LEU A 651 28.84 -18.80 14.38
CA LEU A 651 29.01 -18.51 12.97
C LEU A 651 29.54 -19.72 12.21
N VAL A 652 30.64 -20.31 12.69
CA VAL A 652 31.22 -21.44 11.98
C VAL A 652 30.28 -22.65 12.02
N SER A 653 29.60 -22.88 13.15
CA SER A 653 28.66 -23.98 13.21
C SER A 653 27.54 -23.79 12.20
N ILE A 654 27.18 -22.54 11.93
CA ILE A 654 26.26 -22.25 10.84
C ILE A 654 26.91 -22.58 9.51
N MET A 655 28.19 -22.26 9.36
CA MET A 655 28.87 -22.51 8.10
C MET A 655 28.97 -24.00 7.81
N GLN A 656 29.27 -24.81 8.83
CA GLN A 656 29.49 -26.23 8.62
C GLN A 656 28.21 -26.96 8.20
N ALA A 657 27.05 -26.49 8.62
CA ALA A 657 25.83 -27.26 8.50
C ALA A 657 25.48 -27.53 7.03
N PRO A 658 24.67 -28.54 6.75
CA PRO A 658 24.23 -28.78 5.37
C PRO A 658 23.34 -27.67 4.85
N ALA A 659 23.41 -27.46 3.53
CA ALA A 659 22.62 -26.41 2.91
C ALA A 659 21.12 -26.69 2.99
N ASP A 660 20.72 -27.93 3.25
CA ASP A 660 19.30 -28.29 3.31
C ASP A 660 18.81 -28.54 4.73
N LYS A 661 19.60 -28.22 5.75
CA LYS A 661 19.20 -28.45 7.13
C LYS A 661 18.91 -27.17 7.89
N ILE A 662 19.74 -26.15 7.76
CA ILE A 662 19.51 -24.87 8.42
C ILE A 662 18.52 -24.06 7.59
N PRO A 663 17.87 -23.05 8.17
CA PRO A 663 16.93 -22.25 7.39
C PRO A 663 17.63 -21.48 6.29
N ALA A 664 16.91 -21.29 5.18
CA ALA A 664 17.48 -20.66 4.01
C ALA A 664 17.86 -19.21 4.30
N GLY A 665 18.81 -18.71 3.52
CA GLY A 665 19.29 -17.35 3.66
C GLY A 665 20.14 -17.11 4.89
N LEU A 666 20.14 -18.03 5.86
CA LEU A 666 20.88 -17.82 7.09
C LEU A 666 22.38 -17.79 6.84
N CYS A 667 22.89 -18.67 5.96
CA CYS A 667 24.32 -18.68 5.67
C CYS A 667 24.77 -17.33 5.14
N ALA A 668 23.95 -16.67 4.32
CA ALA A 668 24.33 -15.38 3.76
C ALA A 668 24.47 -14.33 4.85
N THR A 669 23.51 -14.26 5.76
CA THR A 669 23.58 -13.29 6.83
C THR A 669 24.77 -13.58 7.75
N ALA A 670 25.05 -14.86 7.99
CA ALA A 670 26.22 -15.21 8.78
C ALA A 670 27.50 -14.75 8.10
N ILE A 671 27.61 -14.98 6.80
CA ILE A 671 28.78 -14.52 6.04
C ILE A 671 28.92 -13.01 6.16
N ASP A 672 27.82 -12.28 5.98
CA ASP A 672 27.89 -10.83 6.05
C ASP A 672 28.30 -10.36 7.43
N ILE A 673 27.78 -10.99 8.47
CA ILE A 673 28.19 -10.65 9.83
C ILE A 673 29.69 -10.86 9.98
N LEU A 674 30.20 -11.97 9.44
CA LEU A 674 31.64 -12.23 9.51
C LEU A 674 32.43 -11.15 8.78
N THR A 675 31.96 -10.75 7.59
CA THR A 675 32.62 -9.69 6.85
C THR A 675 32.70 -8.43 7.68
N THR A 676 31.58 -8.02 8.27
CA THR A 676 31.56 -6.81 9.09
C THR A 676 32.52 -6.95 10.25
N VAL A 677 32.50 -8.10 10.94
CA VAL A 677 33.39 -8.31 12.07
C VAL A 677 34.83 -8.12 11.65
N VAL A 678 35.26 -8.82 10.59
CA VAL A 678 36.67 -8.82 10.23
C VAL A 678 37.09 -7.45 9.70
N ARG A 679 36.28 -6.86 8.82
CA ARG A 679 36.66 -5.58 8.22
C ARG A 679 36.67 -4.45 9.23
N ASN A 680 35.66 -4.41 10.11
CA ASN A 680 35.49 -3.30 11.06
C ASN A 680 36.22 -3.56 12.37
N THR A 681 37.28 -4.36 12.35
CA THR A 681 38.09 -4.63 13.52
C THR A 681 39.50 -4.10 13.29
N LYS A 682 40.31 -4.15 14.33
CA LYS A 682 41.68 -3.68 14.25
C LYS A 682 42.48 -4.54 13.27
N PRO A 683 43.56 -3.99 12.71
CA PRO A 683 44.33 -4.72 11.70
C PRO A 683 44.82 -6.08 12.19
N PRO A 684 45.42 -6.19 13.37
CA PRO A 684 45.91 -7.53 13.78
C PRO A 684 44.75 -8.48 14.03
N LEU A 685 44.71 -9.55 13.25
CA LEU A 685 43.61 -10.50 13.32
C LEU A 685 43.77 -11.42 14.52
N SER A 686 42.65 -11.96 14.99
CA SER A 686 42.66 -12.86 16.12
C SER A 686 43.06 -14.26 15.69
N GLN A 687 43.48 -15.06 16.67
CA GLN A 687 43.78 -16.46 16.40
C GLN A 687 42.52 -17.23 16.02
N LEU A 688 41.37 -16.79 16.54
CA LEU A 688 40.11 -17.48 16.25
C LEU A 688 39.76 -17.38 14.76
N LEU A 689 39.96 -16.21 14.17
CA LEU A 689 39.59 -16.02 12.78
C LEU A 689 40.44 -16.88 11.86
N ILE A 690 41.77 -16.80 12.00
CA ILE A 690 42.66 -17.49 11.08
C ILE A 690 42.53 -19.00 11.24
N CYS A 691 42.29 -19.46 12.46
CA CYS A 691 42.22 -20.90 12.70
C CYS A 691 40.87 -21.50 12.35
N GLN A 692 39.78 -20.75 12.49
CA GLN A 692 38.44 -21.26 12.23
C GLN A 692 37.73 -20.52 11.10
N ALA A 693 37.66 -19.20 11.18
CA ALA A 693 36.83 -18.45 10.24
C ALA A 693 37.33 -18.61 8.81
N PHE A 694 38.63 -18.43 8.60
CA PHE A 694 39.18 -18.55 7.25
C PHE A 694 38.90 -19.92 6.63
N PRO A 695 39.29 -21.05 7.23
CA PRO A 695 39.01 -22.33 6.57
C PRO A 695 37.53 -22.63 6.47
N ALA A 696 36.74 -22.22 7.48
CA ALA A 696 35.31 -22.48 7.43
C ALA A 696 34.67 -21.79 6.23
N VAL A 697 34.88 -20.47 6.11
CA VAL A 697 34.29 -19.75 4.99
C VAL A 697 34.90 -20.22 3.67
N ALA A 698 36.16 -20.66 3.68
CA ALA A 698 36.77 -21.17 2.47
C ALA A 698 36.04 -22.41 1.97
N GLN A 699 35.93 -23.43 2.82
CA GLN A 699 35.23 -24.64 2.43
C GLN A 699 33.77 -24.36 2.10
N CYS A 700 33.16 -23.39 2.79
CA CYS A 700 31.78 -23.01 2.49
C CYS A 700 31.65 -22.50 1.07
N THR A 701 32.46 -21.49 0.71
CA THR A 701 32.46 -20.98 -0.66
C THR A 701 32.80 -22.09 -1.66
N LEU A 702 33.65 -23.03 -1.26
CA LEU A 702 34.03 -24.12 -2.17
C LEU A 702 32.83 -25.00 -2.50
N HIS A 703 32.23 -25.61 -1.49
CA HIS A 703 31.23 -26.64 -1.71
C HIS A 703 29.83 -26.10 -1.97
N THR A 704 29.63 -24.79 -1.89
CA THR A 704 28.29 -24.24 -2.06
C THR A 704 27.93 -24.11 -3.54
N ASP A 705 26.64 -23.94 -3.79
CA ASP A 705 26.12 -23.71 -5.14
C ASP A 705 25.11 -22.59 -5.23
N ASP A 706 24.59 -22.10 -4.10
CA ASP A 706 23.62 -21.01 -4.11
C ASP A 706 24.28 -19.73 -4.61
N ASN A 707 23.63 -19.09 -5.59
CA ASN A 707 24.17 -17.87 -6.17
C ASN A 707 24.40 -16.80 -5.11
N ALA A 708 23.43 -16.61 -4.22
CA ALA A 708 23.58 -15.62 -3.16
C ALA A 708 24.71 -15.97 -2.22
N THR A 709 24.85 -17.26 -1.90
CA THR A 709 25.93 -17.69 -1.02
C THR A 709 27.30 -17.38 -1.62
N MET A 710 27.51 -17.80 -2.87
CA MET A 710 28.78 -17.51 -3.54
C MET A 710 29.01 -16.00 -3.64
N GLN A 711 27.96 -15.25 -3.99
CA GLN A 711 28.08 -13.80 -4.12
C GLN A 711 28.57 -13.18 -2.82
N ASN A 712 27.84 -13.42 -1.72
CA ASN A 712 28.18 -12.79 -0.45
C ASN A 712 29.53 -13.28 0.07
N GLY A 713 29.79 -14.58 -0.04
CA GLY A 713 31.11 -15.07 0.26
C GLY A 713 32.17 -14.45 -0.62
N GLY A 714 31.80 -14.06 -1.84
CA GLY A 714 32.75 -13.40 -2.72
C GLY A 714 33.36 -12.16 -2.09
N GLU A 715 32.51 -11.26 -1.59
CA GLU A 715 33.02 -10.08 -0.92
C GLU A 715 33.70 -10.47 0.39
N CYS A 716 33.25 -11.54 1.02
CA CYS A 716 33.88 -12.02 2.26
C CYS A 716 35.36 -12.29 2.04
N LEU A 717 35.68 -13.14 1.06
CA LEU A 717 37.08 -13.39 0.74
C LEU A 717 37.75 -12.14 0.22
N ARG A 718 37.03 -11.30 -0.52
CA ARG A 718 37.60 -10.05 -0.99
C ARG A 718 37.98 -9.16 0.18
N ALA A 719 37.09 -9.03 1.17
CA ALA A 719 37.42 -8.23 2.34
C ALA A 719 38.60 -8.83 3.10
N TYR A 720 38.75 -10.15 3.07
CA TYR A 720 39.83 -10.79 3.82
C TYR A 720 41.20 -10.38 3.26
N VAL A 721 41.26 -10.00 1.99
CA VAL A 721 42.54 -9.61 1.41
C VAL A 721 43.04 -8.28 2.00
N SER A 722 42.18 -7.53 2.69
CA SER A 722 42.57 -6.24 3.22
C SER A 722 43.62 -6.35 4.32
N VAL A 723 44.09 -7.55 4.64
CA VAL A 723 45.14 -7.73 5.63
C VAL A 723 46.35 -6.93 5.20
N THR A 724 47.00 -6.28 6.16
CA THR A 724 48.18 -5.47 5.90
C THR A 724 49.41 -6.34 5.67
N VAL B 10 -13.42 -28.12 5.99
CA VAL B 10 -14.78 -28.24 5.51
C VAL B 10 -15.18 -27.11 4.56
N PRO B 11 -14.90 -25.83 4.91
CA PRO B 11 -15.20 -24.75 3.97
C PRO B 11 -14.08 -24.54 2.97
N THR B 12 -14.42 -24.41 1.69
CA THR B 12 -13.45 -24.20 0.63
C THR B 12 -13.50 -22.74 0.18
N PHE B 13 -12.35 -22.08 0.21
CA PHE B 13 -12.22 -20.68 -0.21
C PHE B 13 -11.25 -20.64 -1.38
N LYS B 14 -11.79 -20.39 -2.58
CA LYS B 14 -10.94 -20.31 -3.76
C LYS B 14 -10.31 -18.93 -3.89
N LEU B 15 -9.00 -18.86 -4.02
CA LEU B 15 -8.31 -17.62 -4.33
C LEU B 15 -7.55 -17.76 -5.64
N VAL B 16 -6.79 -16.72 -5.99
CA VAL B 16 -6.22 -16.61 -7.33
C VAL B 16 -4.99 -15.72 -7.26
N LEU B 17 -3.90 -16.17 -7.89
CA LEU B 17 -2.71 -15.35 -8.08
C LEU B 17 -2.67 -14.83 -9.51
N VAL B 18 -2.25 -13.58 -9.65
CA VAL B 18 -2.22 -12.99 -10.99
C VAL B 18 -0.88 -12.34 -11.28
N GLY B 19 0.18 -12.84 -10.66
CA GLY B 19 1.47 -12.19 -10.79
C GLY B 19 2.06 -12.17 -12.19
N ASP B 20 2.21 -10.97 -12.73
CA ASP B 20 2.79 -10.80 -14.06
C ASP B 20 4.21 -11.36 -14.10
N GLY B 21 4.69 -11.62 -15.32
CA GLY B 21 6.08 -11.94 -15.54
C GLY B 21 6.52 -13.20 -14.82
N GLY B 22 7.81 -13.27 -14.56
CA GLY B 22 8.37 -14.43 -13.88
C GLY B 22 8.43 -14.24 -12.39
N THR B 23 7.64 -13.32 -11.86
CA THR B 23 7.64 -13.07 -10.42
C THR B 23 7.06 -14.26 -9.68
N GLY B 24 7.70 -14.63 -8.59
CA GLY B 24 7.40 -15.86 -7.89
C GLY B 24 5.94 -16.04 -7.52
N LYS B 25 5.33 -17.03 -8.12
CA LYS B 25 4.03 -17.50 -7.65
C LYS B 25 4.02 -18.99 -7.40
N THR B 26 4.62 -19.78 -8.29
CA THR B 26 4.62 -21.22 -8.10
C THR B 26 5.57 -21.63 -7.00
N THR B 27 6.74 -20.98 -6.93
CA THR B 27 7.61 -21.17 -5.78
C THR B 27 6.87 -20.87 -4.49
N PHE B 28 6.13 -19.76 -4.48
CA PHE B 28 5.34 -19.41 -3.31
C PHE B 28 4.38 -20.52 -2.93
N VAL B 29 3.59 -20.99 -3.90
CA VAL B 29 2.55 -21.96 -3.56
C VAL B 29 3.17 -23.28 -3.12
N LYS B 30 4.20 -23.75 -3.82
CA LYS B 30 4.87 -24.98 -3.39
C LYS B 30 5.43 -24.83 -1.99
N ARG B 31 6.30 -23.83 -1.77
CA ARG B 31 6.87 -23.58 -0.46
C ARG B 31 5.80 -23.54 0.62
N HIS B 32 4.60 -23.08 0.29
CA HIS B 32 3.52 -23.15 1.27
C HIS B 32 2.90 -24.54 1.30
N LEU B 33 2.77 -25.16 0.13
CA LEU B 33 2.13 -26.48 0.08
C LEU B 33 2.94 -27.50 0.87
N THR B 34 4.12 -27.84 0.35
CA THR B 34 5.08 -28.71 1.06
C THR B 34 6.40 -28.63 0.30
N GLY B 35 7.46 -28.30 0.99
CA GLY B 35 8.78 -28.32 0.37
C GLY B 35 9.54 -27.05 0.68
N GLU B 36 10.52 -26.78 -0.18
CA GLU B 36 11.38 -25.61 -0.03
C GLU B 36 11.47 -24.91 -1.37
N PHE B 37 12.26 -23.84 -1.39
CA PHE B 37 12.41 -23.04 -2.59
C PHE B 37 13.12 -23.81 -3.69
N GLU B 38 12.62 -23.66 -4.91
CA GLU B 38 13.26 -24.22 -6.09
C GLU B 38 13.80 -23.07 -6.94
N LYS B 39 15.08 -23.14 -7.27
CA LYS B 39 15.71 -22.06 -8.04
C LYS B 39 15.25 -22.07 -9.49
N LYS B 40 15.01 -23.24 -10.07
CA LYS B 40 14.80 -23.33 -11.50
C LYS B 40 13.52 -22.62 -11.93
N TYR B 41 13.66 -21.79 -12.96
CA TYR B 41 12.52 -21.10 -13.56
C TYR B 41 11.82 -22.07 -14.50
N ILE B 42 10.58 -22.42 -14.18
CA ILE B 42 9.72 -23.19 -15.07
C ILE B 42 8.38 -22.50 -15.11
N ALA B 43 8.16 -21.66 -16.14
CA ALA B 43 6.92 -20.93 -16.25
C ALA B 43 5.74 -21.87 -16.40
N THR B 44 4.67 -21.62 -15.65
CA THR B 44 3.47 -22.43 -15.72
C THR B 44 2.63 -22.01 -16.91
N ILE B 45 2.09 -23.00 -17.61
CA ILE B 45 1.23 -22.74 -18.77
C ILE B 45 -0.21 -22.99 -18.34
N GLY B 46 -0.96 -21.91 -18.12
CA GLY B 46 -2.34 -22.05 -17.70
C GLY B 46 -2.51 -21.89 -16.21
N VAL B 47 -3.09 -22.90 -15.57
CA VAL B 47 -3.43 -22.84 -14.16
C VAL B 47 -3.29 -24.22 -13.56
N GLU B 48 -2.65 -24.30 -12.39
CA GLU B 48 -2.57 -25.55 -11.65
C GLU B 48 -2.95 -25.26 -10.20
N VAL B 49 -4.05 -25.84 -9.77
CA VAL B 49 -4.55 -25.64 -8.41
C VAL B 49 -3.76 -26.55 -7.48
N HIS B 50 -3.13 -25.97 -6.46
CA HIS B 50 -2.44 -26.75 -5.46
C HIS B 50 -3.23 -26.66 -4.16
N PRO B 51 -4.19 -27.56 -3.91
CA PRO B 51 -5.02 -27.44 -2.70
C PRO B 51 -4.17 -27.27 -1.45
N LEU B 52 -4.54 -26.27 -0.64
CA LEU B 52 -3.75 -25.86 0.51
C LEU B 52 -4.73 -25.57 1.64
N SER B 53 -4.90 -26.51 2.55
CA SER B 53 -5.78 -26.32 3.69
C SER B 53 -4.99 -25.77 4.87
N PHE B 54 -5.70 -25.06 5.74
CA PHE B 54 -5.07 -24.41 6.89
C PHE B 54 -5.92 -24.63 8.12
N TYR B 55 -5.27 -24.98 9.23
CA TYR B 55 -5.93 -25.13 10.51
C TYR B 55 -5.90 -23.80 11.27
N THR B 56 -6.97 -23.54 12.02
CA THR B 56 -7.10 -22.28 12.73
C THR B 56 -7.36 -22.53 14.22
N ASN B 57 -7.29 -21.45 14.99
CA ASN B 57 -7.58 -21.55 16.42
C ASN B 57 -9.04 -21.87 16.65
N PHE B 58 -9.94 -21.40 15.79
CA PHE B 58 -11.33 -21.84 15.83
C PHE B 58 -11.84 -22.12 14.43
N GLY B 59 -11.66 -23.36 13.96
CA GLY B 59 -12.11 -23.76 12.65
C GLY B 59 -11.00 -24.29 11.77
N GLU B 60 -11.26 -24.37 10.47
CA GLU B 60 -10.29 -24.86 9.49
C GLU B 60 -10.64 -24.32 8.11
N ILE B 61 -9.63 -23.91 7.35
CA ILE B 61 -9.89 -23.17 6.12
C ILE B 61 -9.16 -23.81 4.94
N LYS B 62 -9.84 -23.92 3.81
CA LYS B 62 -9.26 -24.43 2.58
C LYS B 62 -8.99 -23.27 1.62
N PHE B 63 -7.79 -23.23 1.06
CA PHE B 63 -7.38 -22.20 0.13
C PHE B 63 -6.83 -22.86 -1.13
N ASP B 64 -7.71 -23.17 -2.08
CA ASP B 64 -7.29 -23.80 -3.33
C ASP B 64 -6.65 -22.72 -4.19
N VAL B 65 -5.34 -22.55 -4.06
CA VAL B 65 -4.65 -21.55 -4.87
C VAL B 65 -4.77 -21.92 -6.34
N TRP B 66 -5.37 -21.03 -7.13
CA TRP B 66 -5.47 -21.18 -8.57
C TRP B 66 -4.37 -20.37 -9.23
N ASP B 67 -3.11 -20.78 -9.04
CA ASP B 67 -2.00 -20.11 -9.70
C ASP B 67 -2.28 -19.94 -11.18
N THR B 68 -1.94 -18.77 -11.71
CA THR B 68 -2.19 -18.43 -13.11
C THR B 68 -0.90 -18.01 -13.78
N ALA B 69 -0.94 -18.00 -15.11
CA ALA B 69 0.24 -17.72 -15.89
C ALA B 69 0.42 -16.23 -16.08
N GLY B 70 1.68 -15.79 -16.01
CA GLY B 70 1.99 -14.39 -16.20
C GLY B 70 2.11 -13.98 -17.66
N LEU B 71 3.01 -14.65 -18.38
CA LEU B 71 3.32 -14.25 -19.75
C LEU B 71 2.10 -14.34 -20.64
N GLU B 72 2.11 -13.58 -21.74
CA GLU B 72 0.99 -13.56 -22.66
C GLU B 72 0.75 -14.91 -23.31
N LYS B 73 1.74 -15.39 -24.06
CA LYS B 73 1.61 -16.59 -24.88
C LYS B 73 1.20 -17.81 -24.08
N PHE B 74 1.53 -17.85 -22.79
CA PHE B 74 1.16 -18.97 -21.94
C PHE B 74 -0.11 -18.71 -21.15
N GLY B 75 -0.86 -17.67 -21.49
CA GLY B 75 -2.06 -17.35 -20.76
C GLY B 75 -3.11 -18.45 -20.79
N GLY B 76 -3.56 -18.81 -21.99
CA GLY B 76 -4.59 -19.81 -22.13
C GLY B 76 -5.97 -19.22 -21.93
N LEU B 77 -6.35 -18.96 -20.68
CA LEU B 77 -7.59 -18.27 -20.40
C LEU B 77 -7.35 -17.27 -19.26
N ARG B 78 -6.91 -16.07 -19.60
CA ARG B 78 -6.93 -15.01 -18.62
C ARG B 78 -8.38 -14.57 -18.40
N ASP B 79 -8.69 -14.25 -17.15
CA ASP B 79 -10.05 -13.92 -16.72
C ASP B 79 -10.95 -15.15 -16.80
N GLY B 80 -10.41 -16.25 -17.30
CA GLY B 80 -11.23 -17.44 -17.46
C GLY B 80 -11.46 -18.16 -16.15
N TYR B 81 -10.46 -18.18 -15.28
CA TYR B 81 -10.52 -18.95 -14.05
C TYR B 81 -10.85 -18.10 -12.83
N TYR B 82 -10.99 -16.79 -13.00
CA TYR B 82 -11.30 -15.93 -11.86
C TYR B 82 -12.71 -16.12 -11.35
N ILE B 83 -13.62 -16.62 -12.19
CA ILE B 83 -15.02 -16.74 -11.81
C ILE B 83 -15.14 -17.54 -10.54
N ASN B 84 -16.12 -17.18 -9.71
CA ASN B 84 -16.35 -17.82 -8.42
C ASN B 84 -15.07 -17.85 -7.59
N ALA B 85 -14.50 -16.67 -7.39
CA ALA B 85 -13.37 -16.49 -6.50
C ALA B 85 -13.87 -15.91 -5.19
N GLN B 86 -13.06 -16.05 -4.15
CA GLN B 86 -13.36 -15.44 -2.86
C GLN B 86 -12.25 -14.57 -2.33
N CYS B 87 -11.12 -14.50 -3.03
CA CYS B 87 -10.03 -13.60 -2.72
C CYS B 87 -9.01 -13.73 -3.84
N ALA B 88 -7.95 -12.93 -3.75
CA ALA B 88 -6.91 -13.01 -4.77
C ALA B 88 -5.70 -12.24 -4.28
N ILE B 89 -4.54 -12.60 -4.82
CA ILE B 89 -3.27 -12.05 -4.39
C ILE B 89 -2.54 -11.56 -5.63
N ILE B 90 -2.71 -10.29 -5.99
CA ILE B 90 -1.86 -9.70 -7.00
C ILE B 90 -0.42 -9.84 -6.53
N MET B 91 0.52 -9.88 -7.46
CA MET B 91 1.91 -10.07 -7.10
C MET B 91 2.83 -9.28 -8.00
N PHE B 92 4.04 -9.05 -7.49
CA PHE B 92 5.13 -8.46 -8.25
C PHE B 92 6.38 -8.56 -7.39
N ASP B 93 7.53 -8.72 -8.03
CA ASP B 93 8.76 -8.86 -7.26
C ASP B 93 9.34 -7.51 -6.94
N VAL B 94 9.92 -7.39 -5.74
CA VAL B 94 10.59 -6.15 -5.38
C VAL B 94 11.84 -5.90 -6.19
N THR B 95 12.28 -6.86 -7.00
CA THR B 95 13.51 -6.71 -7.77
C THR B 95 13.27 -6.30 -9.21
N SER B 96 12.06 -6.44 -9.72
CA SER B 96 11.76 -6.11 -11.11
C SER B 96 10.93 -4.83 -11.17
N ARG B 97 11.09 -4.11 -12.27
CA ARG B 97 10.38 -2.86 -12.49
C ARG B 97 9.10 -3.03 -13.30
N ILE B 98 9.09 -3.96 -14.25
CA ILE B 98 7.94 -4.10 -15.13
C ILE B 98 6.76 -4.73 -14.40
N THR B 99 7.03 -5.50 -13.34
CA THR B 99 5.97 -6.25 -12.67
C THR B 99 5.03 -5.34 -11.91
N TYR B 100 5.33 -4.04 -11.84
CA TYR B 100 4.46 -3.14 -11.10
C TYR B 100 3.61 -2.30 -12.03
N LYS B 101 4.21 -1.73 -13.08
CA LYS B 101 3.51 -0.76 -13.90
C LYS B 101 2.27 -1.30 -14.59
N ASN B 102 1.98 -2.60 -14.47
CA ASN B 102 0.72 -3.13 -14.94
C ASN B 102 -0.11 -3.77 -13.83
N VAL B 103 0.19 -3.45 -12.57
CA VAL B 103 -0.70 -3.84 -11.48
C VAL B 103 -2.06 -3.20 -11.63
N PRO B 104 -2.21 -1.95 -12.07
CA PRO B 104 -3.56 -1.46 -12.37
C PRO B 104 -4.29 -2.31 -13.38
N ASN B 105 -3.60 -2.78 -14.42
CA ASN B 105 -4.25 -3.61 -15.42
C ASN B 105 -4.70 -4.93 -14.82
N TRP B 106 -3.83 -5.57 -14.05
CA TRP B 106 -4.24 -6.79 -13.36
C TRP B 106 -5.45 -6.54 -12.47
N HIS B 107 -5.47 -5.39 -11.79
CA HIS B 107 -6.57 -5.12 -10.89
C HIS B 107 -7.88 -4.95 -11.65
N ARG B 108 -7.86 -4.19 -12.75
CA ARG B 108 -9.09 -4.03 -13.52
C ARG B 108 -9.56 -5.37 -14.07
N ASP B 109 -8.63 -6.21 -14.52
CA ASP B 109 -9.04 -7.51 -15.04
C ASP B 109 -9.54 -8.42 -13.93
N LEU B 110 -9.16 -8.15 -12.69
CA LEU B 110 -9.51 -9.05 -11.60
C LEU B 110 -10.83 -8.66 -10.95
N VAL B 111 -11.00 -7.37 -10.66
CA VAL B 111 -12.18 -6.93 -9.93
C VAL B 111 -13.40 -6.88 -10.85
N ARG B 112 -13.18 -6.98 -12.16
CA ARG B 112 -14.30 -6.97 -13.08
C ARG B 112 -15.12 -8.25 -12.97
N VAL B 113 -14.46 -9.39 -13.01
CA VAL B 113 -15.17 -10.67 -13.05
C VAL B 113 -15.71 -11.03 -11.68
N CYS B 114 -14.93 -10.80 -10.63
CA CYS B 114 -15.40 -11.00 -9.27
C CYS B 114 -15.43 -9.64 -8.58
N GLU B 115 -16.52 -9.38 -7.85
CA GLU B 115 -16.76 -8.04 -7.32
C GLU B 115 -16.12 -7.87 -5.94
N ASN B 116 -15.17 -6.95 -5.85
CA ASN B 116 -14.60 -6.45 -4.60
C ASN B 116 -14.35 -7.56 -3.59
N ILE B 117 -13.59 -8.56 -4.01
CA ILE B 117 -13.12 -9.59 -3.10
C ILE B 117 -11.82 -9.09 -2.47
N PRO B 118 -11.54 -9.41 -1.21
CA PRO B 118 -10.35 -8.85 -0.56
C PRO B 118 -9.08 -9.30 -1.27
N ILE B 119 -8.33 -8.33 -1.80
CA ILE B 119 -7.14 -8.59 -2.59
C ILE B 119 -5.96 -7.96 -1.88
N VAL B 120 -4.84 -8.68 -1.81
CA VAL B 120 -3.69 -8.26 -1.03
C VAL B 120 -2.49 -8.14 -1.95
N LEU B 121 -2.27 -6.96 -2.48
CA LEU B 121 -1.12 -6.70 -3.33
C LEU B 121 0.16 -6.98 -2.56
N CYS B 122 0.82 -8.08 -2.89
CA CYS B 122 1.98 -8.55 -2.14
C CYS B 122 3.26 -8.21 -2.88
N GLY B 123 4.38 -8.53 -2.25
CA GLY B 123 5.70 -8.34 -2.83
C GLY B 123 6.65 -9.43 -2.43
N ASN B 124 7.28 -10.07 -3.40
CA ASN B 124 8.06 -11.26 -3.11
C ASN B 124 9.55 -10.93 -2.99
N LYS B 125 10.28 -11.85 -2.37
CA LYS B 125 11.74 -11.76 -2.22
C LYS B 125 12.17 -10.49 -1.51
N VAL B 126 11.77 -10.32 -0.24
CA VAL B 126 12.27 -9.19 0.54
C VAL B 126 13.77 -9.24 0.75
N ASP B 127 14.42 -10.34 0.38
CA ASP B 127 15.84 -10.51 0.69
C ASP B 127 16.73 -9.67 -0.20
N VAL B 128 16.41 -9.58 -1.50
CA VAL B 128 17.37 -9.08 -2.47
C VAL B 128 17.50 -7.57 -2.41
N LYS B 129 16.45 -6.85 -2.81
CA LYS B 129 16.45 -5.39 -2.82
C LYS B 129 15.01 -4.91 -2.80
N GLU B 130 14.56 -4.39 -1.67
CA GLU B 130 13.17 -3.99 -1.48
C GLU B 130 12.92 -2.63 -2.08
N ARG B 131 11.97 -2.58 -3.02
CA ARG B 131 11.62 -1.36 -3.75
C ARG B 131 12.81 -0.81 -4.54
N LYS B 132 13.28 -1.61 -5.50
CA LYS B 132 14.55 -1.31 -6.15
C LYS B 132 14.38 -0.40 -7.36
N VAL B 133 13.61 -0.82 -8.36
CA VAL B 133 13.54 -0.08 -9.61
C VAL B 133 12.15 0.51 -9.82
N LYS B 134 11.14 -0.10 -9.20
CA LYS B 134 9.77 0.36 -9.33
C LYS B 134 9.63 1.77 -8.78
N ALA B 135 9.88 1.91 -7.49
CA ALA B 135 9.95 3.16 -6.72
C ALA B 135 10.25 2.73 -5.30
N LYS B 136 10.71 3.67 -4.48
CA LYS B 136 10.98 3.33 -3.09
C LYS B 136 9.67 3.22 -2.33
N THR B 137 8.60 3.71 -2.94
CA THR B 137 7.26 3.64 -2.35
C THR B 137 6.26 3.51 -3.50
N ILE B 138 5.14 2.83 -3.26
CA ILE B 138 4.17 2.54 -4.30
C ILE B 138 2.79 2.98 -3.79
N THR B 139 2.09 3.75 -4.61
CA THR B 139 0.84 4.39 -4.20
C THR B 139 -0.38 3.73 -4.83
N PHE B 140 -0.39 2.41 -4.95
CA PHE B 140 -1.58 1.82 -5.55
C PHE B 140 -2.56 1.27 -4.52
N HIS B 141 -2.06 0.75 -3.41
CA HIS B 141 -2.92 0.19 -2.39
C HIS B 141 -3.63 1.24 -1.56
N ARG B 142 -3.41 2.53 -1.84
CA ARG B 142 -3.76 3.57 -0.88
C ARG B 142 -5.25 3.61 -0.60
N LYS B 143 -6.05 3.96 -1.60
CA LYS B 143 -7.44 4.26 -1.30
C LYS B 143 -8.33 3.02 -1.31
N LYS B 144 -7.98 2.00 -2.08
CA LYS B 144 -8.88 0.89 -2.32
C LYS B 144 -8.86 -0.08 -1.14
N ASN B 145 -9.47 -1.25 -1.35
CA ASN B 145 -9.52 -2.31 -0.33
C ASN B 145 -8.38 -3.29 -0.56
N LEU B 146 -7.16 -2.76 -0.49
CA LEU B 146 -5.97 -3.47 -0.92
C LEU B 146 -4.90 -3.40 0.16
N GLN B 147 -4.71 -4.49 0.88
CA GLN B 147 -3.72 -4.55 1.94
C GLN B 147 -2.38 -4.98 1.37
N TYR B 148 -1.40 -4.07 1.41
CA TYR B 148 -0.08 -4.37 0.89
C TYR B 148 0.68 -5.26 1.87
N TYR B 149 1.76 -5.86 1.38
CA TYR B 149 2.65 -6.67 2.22
C TYR B 149 4.00 -6.85 1.54
N ASP B 150 4.85 -7.65 2.16
CA ASP B 150 6.11 -8.10 1.60
C ASP B 150 6.45 -9.46 2.18
N ILE B 151 6.68 -10.44 1.31
CA ILE B 151 6.89 -11.83 1.70
C ILE B 151 8.09 -12.37 0.95
N SER B 152 8.41 -13.65 1.21
CA SER B 152 9.51 -14.31 0.56
C SER B 152 9.21 -15.80 0.47
N ALA B 153 9.55 -16.41 -0.66
CA ALA B 153 9.32 -17.83 -0.83
C ALA B 153 10.51 -18.65 -0.36
N LYS B 154 11.71 -18.09 -0.39
CA LYS B 154 12.87 -18.76 0.18
C LYS B 154 13.06 -18.36 1.63
N SER B 155 13.22 -17.07 1.90
CA SER B 155 13.43 -16.61 3.27
C SER B 155 12.24 -16.93 4.15
N ASN B 156 11.04 -17.03 3.57
CA ASN B 156 9.84 -17.38 4.30
C ASN B 156 9.57 -16.35 5.41
N TYR B 157 9.33 -15.11 4.99
CA TYR B 157 9.32 -13.97 5.91
C TYR B 157 7.94 -13.62 6.46
N ASN B 158 7.02 -13.15 5.61
CA ASN B 158 5.63 -12.97 5.99
C ASN B 158 4.76 -14.09 5.47
N PHE B 159 5.36 -15.28 5.35
CA PHE B 159 4.83 -16.29 4.45
C PHE B 159 3.52 -16.88 4.95
N GLU B 160 3.04 -16.44 6.10
CA GLU B 160 1.70 -16.77 6.53
C GLU B 160 0.80 -15.54 6.62
N LYS B 161 1.35 -14.36 6.42
CA LYS B 161 0.59 -13.13 6.65
C LYS B 161 -0.47 -12.88 5.60
N PRO B 162 -0.20 -12.99 4.29
CA PRO B 162 -1.30 -12.83 3.34
C PRO B 162 -2.45 -13.77 3.59
N PHE B 163 -2.16 -15.04 3.83
CA PHE B 163 -3.24 -16.00 4.04
C PHE B 163 -3.97 -15.72 5.35
N LEU B 164 -3.24 -15.28 6.37
CA LEU B 164 -3.88 -14.87 7.61
C LEU B 164 -4.84 -13.72 7.37
N TRP B 165 -4.38 -12.69 6.65
CA TRP B 165 -5.22 -11.54 6.35
C TRP B 165 -6.47 -11.96 5.59
N LEU B 166 -6.31 -12.84 4.61
CA LEU B 166 -7.46 -13.27 3.82
C LEU B 166 -8.44 -14.06 4.67
N ALA B 167 -7.94 -14.97 5.51
CA ALA B 167 -8.82 -15.72 6.38
C ALA B 167 -9.59 -14.82 7.32
N ARG B 168 -8.88 -13.88 7.95
CA ARG B 168 -9.55 -12.90 8.81
C ARG B 168 -10.65 -12.17 8.07
N LYS B 169 -10.32 -11.60 6.91
CA LYS B 169 -11.33 -10.89 6.14
C LYS B 169 -12.34 -11.80 5.47
N LEU B 170 -12.18 -13.12 5.59
CA LEU B 170 -13.15 -14.06 5.02
C LEU B 170 -14.20 -14.47 6.04
N ALA B 171 -13.75 -15.04 7.17
CA ALA B 171 -14.68 -15.41 8.22
C ALA B 171 -15.17 -14.19 8.98
N GLY B 172 -14.32 -13.17 9.11
CA GLY B 172 -14.71 -11.91 9.71
C GLY B 172 -13.97 -11.59 10.99
N ASN B 173 -13.80 -12.59 11.85
CA ASN B 173 -13.18 -12.37 13.14
C ASN B 173 -11.68 -12.11 12.97
N PRO B 174 -11.17 -10.99 13.44
CA PRO B 174 -9.73 -10.73 13.32
C PRO B 174 -8.91 -11.51 14.34
N GLN B 175 -9.54 -12.48 15.00
CA GLN B 175 -8.87 -13.28 16.02
C GLN B 175 -8.39 -14.63 15.52
N LEU B 176 -8.65 -14.99 14.27
CA LEU B 176 -8.21 -16.27 13.75
C LEU B 176 -6.69 -16.35 13.71
N GLU B 177 -6.16 -17.51 14.09
CA GLU B 177 -4.73 -17.76 14.06
C GLU B 177 -4.49 -19.26 13.89
N PHE B 178 -3.43 -19.59 13.16
CA PHE B 178 -3.15 -20.97 12.82
C PHE B 178 -2.72 -21.78 14.04
#